data_4YT5
#
_entry.id   4YT5
#
_cell.length_a   53.000
_cell.length_b   78.030
_cell.length_c   153.920
_cell.angle_alpha   90.000
_cell.angle_beta   90.000
_cell.angle_gamma   90.000
#
_symmetry.space_group_name_H-M   'P 21 21 21'
#
loop_
_entity.id
_entity.type
_entity.pdbx_description
1 polymer 'H(2)-forming methylenetetrahydromethanopterin dehydrogenase-related protein MJ1338'
2 non-polymer 'TRIETHYLENE GLYCOL'
3 non-polymer '5,10-DIMETHYLENE TETRAHYDROMETHANOPTERIN'
4 water water
#
_entity_poly.entity_id   1
_entity_poly.type   'polypeptide(L)'
_entity_poly.pdbx_seq_one_letter_code
;(MSE)RNIRKIKVDN(MSE)KVSVYGAGNQNLYINKLNLPEKFGGEPPYGGSR(MSE)AIEFAEAGHDVVLAEPNKNI
(MSE)SDDLWKKVEDAGVKVVSDDVEAAKHGEIHVLFTPFGKATFRIAKTIIEHVPENAVICNTCTVSPVVLYYSLEPIL
RTKRKDVGISS(MSE)HPAAVPGTPQHGHYVIGGKTTDGKELATEEQIKKAVELAKSAGKEAYVVPADVSSVVAD(MSE)
GSLVTAVALSGVLDYYTVGRKIINAPKK(MSE)IEQQVI(MSE)TLQT(MSE)ASLVETSGIEG(MSE)VKALNPELLIR
SASS(MSE)KLLDRQKDLDAALEILQNLDETLKAEVEKAEIKPTTLVAAQSLVKEIKTLIGGAAAEGAIKRSARKLFEHA
DPNSSSVDKLAAALEHHHHHH
;
_entity_poly.pdbx_strand_id   A,B
#
# COMPACT_ATOMS: atom_id res chain seq x y z
N ASP A 10 -11.26 -31.59 26.10
CA ASP A 10 -9.84 -31.27 26.05
C ASP A 10 -9.32 -30.76 27.40
N ASN A 11 -8.12 -31.20 27.76
CA ASN A 11 -7.39 -30.61 28.87
C ASN A 11 -6.00 -30.28 28.33
N LYS A 13 -2.56 -28.37 27.66
CA LYS A 13 -1.57 -27.61 28.43
C LYS A 13 -1.26 -26.30 27.69
N VAL A 14 -1.54 -25.17 28.35
CA VAL A 14 -1.43 -23.88 27.69
C VAL A 14 -0.49 -22.97 28.46
N SER A 15 0.40 -22.29 27.74
CA SER A 15 1.27 -21.31 28.38
C SER A 15 1.03 -19.98 27.71
N VAL A 16 0.79 -18.95 28.52
CA VAL A 16 0.59 -17.58 28.05
C VAL A 16 1.70 -16.70 28.62
N TYR A 17 2.33 -15.90 27.78
CA TYR A 17 3.45 -15.05 28.16
C TYR A 17 3.04 -13.59 28.13
N GLY A 18 2.92 -12.97 29.30
CA GLY A 18 2.61 -11.55 29.38
C GLY A 18 1.21 -11.34 29.92
N ALA A 19 1.09 -10.68 31.07
CA ALA A 19 -0.22 -10.43 31.64
C ALA A 19 -0.96 -9.30 30.93
N GLY A 20 -0.23 -8.43 30.23
CA GLY A 20 -0.83 -7.26 29.62
C GLY A 20 -0.74 -6.07 30.56
N ASN A 21 -0.58 -4.89 29.96
CA ASN A 21 -0.36 -3.64 30.70
C ASN A 21 -1.68 -3.12 31.25
N GLN A 22 -1.98 -3.49 32.49
CA GLN A 22 -3.29 -3.14 33.06
C GLN A 22 -3.41 -1.62 33.28
N ASN A 23 -2.30 -0.95 33.55
CA ASN A 23 -2.32 0.52 33.62
C ASN A 23 -2.76 1.14 32.29
N LEU A 24 -2.21 0.65 31.17
CA LEU A 24 -2.66 1.13 29.87
C LEU A 24 -4.17 0.90 29.66
N TYR A 25 -4.63 -0.33 29.87
CA TYR A 25 -6.03 -0.67 29.60
C TYR A 25 -7.01 0.05 30.52
N ILE A 26 -6.67 0.09 31.79
CA ILE A 26 -7.60 0.61 32.77
C ILE A 26 -7.45 2.11 32.99
N ASN A 27 -6.24 2.57 33.18
CA ASN A 27 -6.06 3.93 33.65
C ASN A 27 -5.81 4.91 32.51
N LYS A 28 -5.11 4.48 31.46
CA LYS A 28 -4.85 5.35 30.31
C LYS A 28 -6.01 5.34 29.32
N LEU A 29 -6.37 4.16 28.83
CA LEU A 29 -7.43 4.02 27.82
C LEU A 29 -8.84 3.98 28.42
N ASN A 30 -8.93 3.70 29.73
CA ASN A 30 -10.22 3.57 30.41
C ASN A 30 -11.19 2.64 29.65
N LEU A 31 -10.72 1.45 29.31
CA LEU A 31 -11.56 0.47 28.59
C LEU A 31 -12.87 0.16 29.33
N PRO A 32 -12.84 0.03 30.68
CA PRO A 32 -14.10 -0.29 31.37
C PRO A 32 -15.24 0.68 31.05
N GLU A 33 -14.91 1.93 30.76
CA GLU A 33 -15.95 2.92 30.50
C GLU A 33 -16.04 3.26 29.01
N LYS A 34 -14.97 3.05 28.26
CA LYS A 34 -14.97 3.45 26.85
C LYS A 34 -15.36 2.28 25.94
N PHE A 35 -15.09 1.07 26.39
CA PHE A 35 -15.35 -0.15 25.62
C PHE A 35 -16.29 -1.10 26.34
N GLY A 36 -16.02 -1.31 27.63
CA GLY A 36 -16.83 -2.21 28.43
C GLY A 36 -16.03 -3.33 29.05
N GLY A 37 -16.74 -4.28 29.65
CA GLY A 37 -16.10 -5.39 30.32
C GLY A 37 -15.43 -4.97 31.62
N GLU A 38 -14.70 -5.88 32.23
CA GLU A 38 -14.04 -5.57 33.48
C GLU A 38 -12.61 -6.10 33.43
N PRO A 39 -11.69 -5.43 34.13
CA PRO A 39 -10.31 -5.95 34.17
C PRO A 39 -10.21 -7.26 34.95
N PRO A 40 -9.13 -8.03 34.71
CA PRO A 40 -8.02 -7.67 33.80
C PRO A 40 -8.35 -7.89 32.33
N TYR A 41 -7.58 -7.23 31.46
CA TYR A 41 -7.69 -7.37 30.01
C TYR A 41 -6.43 -8.00 29.43
N GLY A 42 -6.46 -8.32 28.13
CA GLY A 42 -5.26 -8.75 27.46
C GLY A 42 -4.84 -10.16 27.83
N GLY A 43 -3.53 -10.39 27.89
CA GLY A 43 -2.98 -11.73 28.09
C GLY A 43 -3.49 -12.44 29.33
N SER A 44 -3.63 -11.73 30.44
CA SER A 44 -4.10 -12.35 31.66
C SER A 44 -5.56 -12.77 31.55
N ARG A 45 -6.33 -12.02 30.76
CA ARG A 45 -7.74 -12.35 30.49
C ARG A 45 -7.87 -13.58 29.60
N ALA A 47 -5.63 -15.93 29.52
CA ALA A 47 -5.30 -17.02 30.46
C ALA A 47 -6.50 -17.44 31.30
N ILE A 48 -7.19 -16.46 31.87
CA ILE A 48 -8.41 -16.75 32.63
C ILE A 48 -9.45 -17.52 31.81
N GLU A 49 -9.68 -17.04 30.58
CA GLU A 49 -10.68 -17.67 29.72
C GLU A 49 -10.29 -19.09 29.33
N PHE A 50 -8.99 -19.31 29.07
CA PHE A 50 -8.55 -20.66 28.72
C PHE A 50 -8.74 -21.58 29.93
N ALA A 51 -8.42 -21.08 31.12
CA ALA A 51 -8.52 -21.88 32.36
C ALA A 51 -9.95 -22.22 32.70
N GLU A 52 -10.83 -21.25 32.50
CA GLU A 52 -12.25 -21.44 32.73
C GLU A 52 -12.85 -22.40 31.72
N ALA A 53 -12.19 -22.59 30.59
CA ALA A 53 -12.63 -23.56 29.60
C ALA A 53 -12.13 -24.98 29.94
N GLY A 54 -11.29 -25.10 30.96
CA GLY A 54 -10.85 -26.40 31.42
C GLY A 54 -9.42 -26.78 31.08
N HIS A 55 -8.70 -25.84 30.47
CA HIS A 55 -7.33 -26.11 30.07
C HIS A 55 -6.41 -25.92 31.26
N ASP A 56 -5.22 -26.48 31.16
CA ASP A 56 -4.23 -26.40 32.22
C ASP A 56 -3.29 -25.25 31.88
N VAL A 57 -3.50 -24.10 32.53
CA VAL A 57 -2.90 -22.85 32.06
C VAL A 57 -1.83 -22.31 33.00
N VAL A 58 -0.71 -21.93 32.39
CA VAL A 58 0.38 -21.25 33.09
C VAL A 58 0.54 -19.88 32.47
N LEU A 59 0.63 -18.85 33.30
CA LEU A 59 0.90 -17.51 32.82
C LEU A 59 2.27 -17.07 33.30
N ALA A 60 3.13 -16.71 32.35
CA ALA A 60 4.48 -16.25 32.66
C ALA A 60 4.51 -14.74 32.68
N GLU A 61 4.79 -14.16 33.85
CA GLU A 61 4.85 -12.72 33.98
C GLU A 61 5.90 -12.34 35.01
N PRO A 62 7.04 -11.83 34.54
CA PRO A 62 8.17 -11.51 35.43
C PRO A 62 7.92 -10.29 36.32
N ASN A 63 6.96 -9.47 35.94
CA ASN A 63 6.76 -8.20 36.64
C ASN A 63 5.47 -8.22 37.44
N LYS A 64 5.57 -8.53 38.73
CA LYS A 64 4.36 -8.64 39.56
C LYS A 64 3.63 -7.30 39.68
N ASN A 65 4.34 -6.20 39.46
CA ASN A 65 3.74 -4.86 39.60
C ASN A 65 2.88 -4.43 38.39
N ILE A 66 2.75 -5.31 37.39
CA ILE A 66 2.00 -5.00 36.17
C ILE A 66 0.48 -4.97 36.39
N SER A 68 -2.64 -4.69 39.94
CA SER A 68 -2.95 -4.64 41.38
C SER A 68 -3.12 -6.05 41.97
N ASP A 69 -3.04 -6.17 43.29
CA ASP A 69 -3.26 -7.49 43.91
C ASP A 69 -4.66 -8.01 43.63
N ASP A 70 -5.65 -7.12 43.66
CA ASP A 70 -7.04 -7.53 43.40
C ASP A 70 -7.21 -8.15 42.02
N LEU A 71 -6.46 -7.67 41.03
CA LEU A 71 -6.56 -8.26 39.69
C LEU A 71 -5.82 -9.60 39.61
N TRP A 72 -4.66 -9.70 40.27
CA TRP A 72 -3.96 -10.98 40.40
C TRP A 72 -4.86 -12.04 41.05
N LYS A 73 -5.66 -11.65 42.03
CA LYS A 73 -6.54 -12.63 42.67
C LYS A 73 -7.52 -13.23 41.67
N LYS A 74 -8.03 -12.40 40.76
CA LYS A 74 -8.90 -12.90 39.71
C LYS A 74 -8.22 -13.90 38.79
N VAL A 75 -6.95 -13.64 38.45
CA VAL A 75 -6.23 -14.59 37.61
C VAL A 75 -6.10 -15.91 38.34
N GLU A 76 -5.69 -15.79 39.59
CA GLU A 76 -5.46 -16.95 40.43
C GLU A 76 -6.75 -17.72 40.75
N ASP A 77 -7.86 -17.01 40.99
CA ASP A 77 -9.13 -17.69 41.29
C ASP A 77 -9.67 -18.48 40.09
N ALA A 78 -9.23 -18.12 38.89
CA ALA A 78 -9.62 -18.85 37.69
C ALA A 78 -8.85 -20.15 37.55
N GLY A 79 -7.81 -20.32 38.36
CA GLY A 79 -7.02 -21.54 38.31
C GLY A 79 -5.79 -21.43 37.44
N VAL A 80 -5.48 -20.20 37.02
CA VAL A 80 -4.26 -19.95 36.29
C VAL A 80 -3.06 -20.03 37.27
N LYS A 81 -2.02 -20.78 36.90
CA LYS A 81 -0.79 -20.83 37.69
C LYS A 81 0.16 -19.74 37.19
N VAL A 82 0.54 -18.82 38.05
CA VAL A 82 1.40 -17.72 37.62
C VAL A 82 2.86 -18.02 37.98
N VAL A 83 3.75 -17.86 37.01
CA VAL A 83 5.16 -18.07 37.23
C VAL A 83 5.89 -16.83 36.71
N SER A 84 7.06 -16.56 37.26
CA SER A 84 7.85 -15.42 36.80
C SER A 84 8.92 -15.84 35.80
N ASP A 85 9.17 -17.13 35.68
CA ASP A 85 10.22 -17.65 34.80
C ASP A 85 9.65 -18.23 33.50
N ASP A 86 10.02 -17.59 32.39
CA ASP A 86 9.62 -18.03 31.05
C ASP A 86 10.01 -19.49 30.76
N VAL A 87 11.15 -19.94 31.28
CA VAL A 87 11.60 -21.30 30.99
C VAL A 87 10.64 -22.36 31.58
N GLU A 88 10.08 -22.05 32.74
CA GLU A 88 9.15 -22.96 33.40
C GLU A 88 7.86 -23.08 32.59
N ALA A 89 7.37 -21.95 32.10
CA ALA A 89 6.20 -21.97 31.24
C ALA A 89 6.52 -22.68 29.93
N ALA A 90 7.76 -22.55 29.45
CA ALA A 90 8.17 -23.20 28.20
C ALA A 90 8.04 -24.71 28.30
N LYS A 91 8.48 -25.28 29.41
CA LYS A 91 8.41 -26.73 29.61
C LYS A 91 6.97 -27.24 29.77
N HIS A 92 6.07 -26.36 30.16
CA HIS A 92 4.68 -26.76 30.46
C HIS A 92 3.79 -26.97 29.21
N GLY A 93 3.78 -26.01 28.30
CA GLY A 93 2.70 -25.97 27.30
C GLY A 93 2.87 -26.79 26.01
N GLU A 94 1.75 -27.27 25.46
CA GLU A 94 1.76 -27.74 24.07
C GLU A 94 1.54 -26.56 23.14
N ILE A 95 0.93 -25.51 23.67
CA ILE A 95 0.69 -24.33 22.87
C ILE A 95 1.14 -23.11 23.69
N HIS A 96 1.82 -22.19 23.03
CA HIS A 96 2.46 -21.06 23.70
C HIS A 96 2.01 -19.76 23.06
N VAL A 97 1.40 -18.89 23.87
CA VAL A 97 0.79 -17.68 23.36
C VAL A 97 1.55 -16.45 23.83
N LEU A 98 2.17 -15.76 22.90
CA LEU A 98 2.97 -14.58 23.23
C LEU A 98 2.10 -13.32 23.27
N PHE A 99 1.74 -12.86 24.46
CA PHE A 99 1.12 -11.56 24.63
C PHE A 99 2.20 -10.59 25.11
N THR A 100 3.25 -10.45 24.32
CA THR A 100 4.49 -9.87 24.81
C THR A 100 4.71 -8.46 24.29
N PRO A 101 5.48 -7.64 25.05
CA PRO A 101 5.74 -6.27 24.56
C PRO A 101 6.43 -6.25 23.20
N PHE A 102 6.06 -5.26 22.39
CA PHE A 102 6.61 -5.08 21.06
C PHE A 102 8.14 -5.08 21.03
N GLY A 103 8.69 -5.64 19.97
CA GLY A 103 10.11 -5.50 19.70
C GLY A 103 10.91 -6.59 20.35
N LYS A 104 12.11 -6.24 20.79
CA LYS A 104 13.07 -7.22 21.32
C LYS A 104 12.42 -8.22 22.29
N ALA A 105 11.49 -7.76 23.12
CA ALA A 105 10.81 -8.63 24.08
C ALA A 105 10.15 -9.85 23.45
N THR A 106 9.32 -9.64 22.44
CA THR A 106 8.64 -10.74 21.77
C THR A 106 9.65 -11.72 21.15
N PHE A 107 10.64 -11.18 20.47
CA PHE A 107 11.67 -12.01 19.88
C PHE A 107 12.52 -12.66 20.95
N ARG A 108 12.82 -11.93 22.03
CA ARG A 108 13.65 -12.49 23.10
C ARG A 108 12.95 -13.65 23.79
N ILE A 109 11.68 -13.47 24.09
CA ILE A 109 10.94 -14.53 24.77
C ILE A 109 10.77 -15.76 23.87
N ALA A 110 10.49 -15.54 22.58
CA ALA A 110 10.41 -16.64 21.64
C ALA A 110 11.73 -17.43 21.60
N LYS A 111 12.85 -16.71 21.50
CA LYS A 111 14.16 -17.37 21.45
C LYS A 111 14.52 -18.03 22.79
N THR A 112 14.01 -17.48 23.89
CA THR A 112 14.20 -18.08 25.19
C THR A 112 13.45 -19.40 25.31
N ILE A 113 12.22 -19.45 24.85
CA ILE A 113 11.44 -20.67 25.10
C ILE A 113 11.65 -21.76 24.06
N ILE A 114 12.11 -21.39 22.86
CA ILE A 114 12.11 -22.35 21.75
C ILE A 114 12.94 -23.61 22.07
N GLU A 115 14.01 -23.48 22.84
CA GLU A 115 14.79 -24.69 23.06
C GLU A 115 14.31 -25.47 24.28
N HIS A 116 13.25 -24.99 24.92
CA HIS A 116 12.72 -25.66 26.11
C HIS A 116 11.30 -26.22 25.94
N VAL A 117 10.58 -25.77 24.93
CA VAL A 117 9.21 -26.25 24.73
C VAL A 117 9.18 -27.74 24.40
N PRO A 118 8.09 -28.43 24.78
CA PRO A 118 7.99 -29.86 24.51
C PRO A 118 7.99 -30.19 23.02
N GLU A 119 8.25 -31.46 22.71
CA GLU A 119 8.14 -31.98 21.36
C GLU A 119 6.81 -31.57 20.74
N ASN A 120 6.86 -31.14 19.48
CA ASN A 120 5.65 -30.81 18.71
C ASN A 120 4.85 -29.60 19.21
N ALA A 121 5.44 -28.79 20.10
CA ALA A 121 4.74 -27.59 20.58
C ALA A 121 4.51 -26.58 19.44
N VAL A 122 3.49 -25.73 19.61
CA VAL A 122 3.27 -24.63 18.66
C VAL A 122 3.34 -23.29 19.42
N ILE A 123 3.97 -22.32 18.78
CA ILE A 123 4.15 -21.00 19.39
C ILE A 123 3.37 -19.98 18.57
N CYS A 124 2.53 -19.19 19.25
CA CYS A 124 1.59 -18.29 18.60
C CYS A 124 1.83 -16.85 19.03
N ASN A 125 1.92 -15.94 18.05
CA ASN A 125 1.95 -14.51 18.34
C ASN A 125 0.53 -13.96 18.53
N THR A 126 0.41 -12.81 19.17
CA THR A 126 -0.84 -12.08 19.20
C THR A 126 -0.60 -10.74 18.49
N CYS A 127 -0.95 -9.63 19.12
CA CYS A 127 -0.85 -8.31 18.49
C CYS A 127 0.51 -7.93 17.91
N THR A 128 1.58 -8.25 18.62
CA THR A 128 2.87 -7.59 18.42
C THR A 128 3.74 -7.97 17.20
N VAL A 129 3.64 -9.19 16.68
CA VAL A 129 4.43 -9.58 15.51
C VAL A 129 3.64 -10.45 14.52
N SER A 130 3.93 -10.33 13.22
CA SER A 130 3.46 -11.30 12.21
C SER A 130 4.07 -12.71 12.41
N PRO A 131 3.26 -13.77 12.22
CA PRO A 131 3.81 -15.13 12.41
C PRO A 131 4.93 -15.47 11.41
N VAL A 132 4.88 -14.88 10.22
CA VAL A 132 5.92 -15.12 9.22
C VAL A 132 7.25 -14.53 9.71
N VAL A 133 7.21 -13.32 10.26
CA VAL A 133 8.39 -12.69 10.81
C VAL A 133 8.90 -13.45 12.06
N LEU A 134 7.97 -13.88 12.90
CA LEU A 134 8.32 -14.68 14.07
C LEU A 134 9.05 -15.93 13.62
N TYR A 135 8.50 -16.60 12.61
CA TYR A 135 9.15 -17.79 12.04
C TYR A 135 10.57 -17.46 11.52
N TYR A 136 10.68 -16.41 10.72
CA TYR A 136 12.01 -16.00 10.24
C TYR A 136 13.01 -15.76 11.37
N SER A 137 12.55 -15.20 12.48
CA SER A 137 13.47 -14.91 13.60
C SER A 137 13.96 -16.19 14.29
N LEU A 138 13.17 -17.25 14.18
CA LEU A 138 13.49 -18.55 14.79
C LEU A 138 13.99 -19.59 13.79
N GLU A 139 13.94 -19.23 12.51
CA GLU A 139 14.29 -20.15 11.43
C GLU A 139 15.63 -20.92 11.61
N PRO A 140 16.70 -20.26 12.11
CA PRO A 140 17.92 -21.04 12.28
C PRO A 140 17.77 -22.24 13.24
N ILE A 141 16.91 -22.12 14.23
CA ILE A 141 16.64 -23.22 15.17
C ILE A 141 15.58 -24.17 14.59
N LEU A 142 14.56 -23.59 13.98
CA LEU A 142 13.47 -24.36 13.37
C LEU A 142 13.94 -25.28 12.25
N ARG A 143 14.95 -24.87 11.49
CA ARG A 143 15.40 -25.67 10.36
C ARG A 143 16.21 -26.88 10.79
N THR A 144 16.78 -26.80 11.99
CA THR A 144 17.71 -27.81 12.49
C THR A 144 17.21 -28.55 13.73
N LYS A 145 17.34 -27.94 14.90
CA LYS A 145 17.06 -28.68 16.13
C LYS A 145 15.61 -28.88 16.41
N ARG A 146 14.79 -27.94 15.98
CA ARG A 146 13.39 -27.98 16.38
C ARG A 146 12.48 -27.96 15.17
N LYS A 147 12.66 -28.95 14.31
CA LYS A 147 11.86 -29.05 13.09
C LYS A 147 10.44 -29.55 13.43
N ASP A 148 10.24 -29.90 14.70
CA ASP A 148 8.94 -30.31 15.22
C ASP A 148 8.06 -29.13 15.66
N VAL A 149 8.69 -27.98 15.93
CA VAL A 149 7.96 -26.86 16.50
C VAL A 149 7.24 -26.06 15.41
N GLY A 150 5.98 -25.72 15.67
CA GLY A 150 5.19 -24.95 14.72
C GLY A 150 5.08 -23.49 15.13
N ILE A 151 4.86 -22.62 14.13
CA ILE A 151 4.61 -21.21 14.39
C ILE A 151 3.23 -20.86 13.87
N SER A 152 2.40 -20.25 14.72
CA SER A 152 1.10 -19.78 14.27
C SER A 152 0.74 -18.46 14.97
N SER A 153 -0.55 -18.14 15.03
CA SER A 153 -0.92 -16.94 15.77
C SER A 153 -2.30 -17.12 16.36
N HIS A 155 -4.60 -14.08 17.13
CA HIS A 155 -4.76 -12.67 17.28
C HIS A 155 -6.21 -12.38 17.64
N PRO A 156 -6.41 -11.69 18.78
CA PRO A 156 -7.79 -11.43 19.21
C PRO A 156 -8.49 -10.37 18.38
N ALA A 157 -7.76 -9.53 17.63
CA ALA A 157 -8.42 -8.53 16.77
C ALA A 157 -9.29 -7.58 17.60
N ALA A 158 -9.11 -7.65 18.90
CA ALA A 158 -9.76 -6.77 19.87
C ALA A 158 -8.92 -6.93 21.15
N VAL A 159 -9.20 -6.18 22.20
CA VAL A 159 -8.52 -6.39 23.48
C VAL A 159 -9.30 -7.43 24.26
N PRO A 160 -8.66 -8.58 24.58
CA PRO A 160 -9.35 -9.61 25.37
C PRO A 160 -9.95 -9.05 26.64
N GLY A 161 -11.21 -9.37 26.91
CA GLY A 161 -11.90 -8.83 28.06
C GLY A 161 -12.95 -7.79 27.71
N THR A 162 -12.82 -7.19 26.54
CA THR A 162 -13.81 -6.23 26.03
C THR A 162 -14.89 -6.95 25.22
N PRO A 163 -16.11 -6.38 25.17
CA PRO A 163 -17.23 -6.95 24.41
C PRO A 163 -16.92 -7.19 22.94
N GLN A 164 -16.03 -6.36 22.38
CA GLN A 164 -15.66 -6.44 20.97
C GLN A 164 -14.85 -7.69 20.65
N HIS A 165 -14.24 -8.29 21.66
CA HIS A 165 -13.46 -9.51 21.42
C HIS A 165 -14.37 -10.73 21.32
N GLY A 166 -14.71 -11.11 20.08
CA GLY A 166 -15.59 -12.24 19.86
C GLY A 166 -14.93 -13.32 19.00
N HIS A 167 -13.70 -13.08 18.56
CA HIS A 167 -13.03 -14.09 17.75
C HIS A 167 -11.52 -14.01 17.81
N TYR A 168 -10.86 -15.02 17.24
CA TYR A 168 -9.41 -15.03 17.02
C TYR A 168 -9.11 -15.28 15.56
N VAL A 169 -8.08 -14.61 15.06
CA VAL A 169 -7.57 -14.88 13.74
C VAL A 169 -6.32 -15.75 13.91
N ILE A 170 -6.35 -16.92 13.30
CA ILE A 170 -5.26 -17.89 13.44
C ILE A 170 -4.48 -18.03 12.13
N GLY A 171 -3.18 -17.79 12.16
CA GLY A 171 -2.39 -17.85 10.93
C GLY A 171 -2.11 -19.27 10.48
N GLY A 172 -2.62 -19.61 9.30
CA GLY A 172 -2.45 -20.94 8.74
C GLY A 172 -1.47 -20.94 7.57
N LYS A 173 -1.56 -21.95 6.72
CA LYS A 173 -0.67 -22.07 5.57
C LYS A 173 -0.65 -20.77 4.75
N THR A 174 0.54 -20.27 4.39
CA THR A 174 0.65 -19.01 3.64
C THR A 174 0.06 -19.10 2.24
N THR A 175 -0.22 -17.95 1.63
CA THR A 175 -0.78 -17.94 0.30
C THR A 175 0.19 -18.61 -0.67
N ASP A 176 1.50 -18.56 -0.39
CA ASP A 176 2.48 -19.17 -1.30
C ASP A 176 2.84 -20.60 -0.87
N GLY A 177 2.01 -21.18 -0.01
CA GLY A 177 2.09 -22.61 0.28
C GLY A 177 3.04 -23.05 1.40
N LYS A 178 3.58 -22.11 2.16
CA LYS A 178 4.46 -22.49 3.27
C LYS A 178 3.64 -22.90 4.48
N GLU A 179 3.94 -24.07 5.05
CA GLU A 179 3.29 -24.50 6.28
C GLU A 179 4.23 -24.19 7.44
N LEU A 180 3.88 -23.18 8.24
CA LEU A 180 4.72 -22.77 9.36
C LEU A 180 4.38 -23.60 10.60
N ALA A 181 3.21 -24.23 10.58
CA ALA A 181 2.81 -25.16 11.63
C ALA A 181 2.08 -26.30 10.95
N THR A 182 1.98 -27.45 11.63
CA THR A 182 1.26 -28.58 11.06
C THR A 182 -0.25 -28.38 11.16
N GLU A 183 -1.00 -29.22 10.45
CA GLU A 183 -2.45 -29.19 10.58
C GLU A 183 -2.87 -29.51 12.02
N GLU A 184 -2.14 -30.41 12.68
CA GLU A 184 -2.46 -30.75 14.07
C GLU A 184 -2.22 -29.58 15.04
N GLN A 185 -1.21 -28.78 14.76
CA GLN A 185 -0.90 -27.62 15.62
C GLN A 185 -1.93 -26.52 15.43
N ILE A 186 -2.32 -26.30 14.18
CA ILE A 186 -3.32 -25.28 13.86
C ILE A 186 -4.68 -25.70 14.46
N LYS A 187 -4.98 -26.98 14.41
CA LYS A 187 -6.22 -27.48 14.98
C LYS A 187 -6.27 -27.22 16.50
N LYS A 188 -5.11 -27.27 17.17
CA LYS A 188 -5.10 -26.96 18.60
C LYS A 188 -5.40 -25.51 18.88
N ALA A 189 -4.80 -24.62 18.10
CA ALA A 189 -5.06 -23.20 18.24
C ALA A 189 -6.54 -22.92 18.00
N VAL A 190 -7.10 -23.57 17.00
CA VAL A 190 -8.52 -23.38 16.68
C VAL A 190 -9.43 -23.85 17.82
N GLU A 191 -9.12 -25.01 18.39
CA GLU A 191 -9.94 -25.53 19.49
C GLU A 191 -9.77 -24.72 20.77
N LEU A 192 -8.56 -24.21 21.00
CA LEU A 192 -8.31 -23.35 22.14
C LEU A 192 -9.20 -22.11 22.02
N ALA A 193 -9.24 -21.49 20.84
CA ALA A 193 -10.21 -20.39 20.59
C ALA A 193 -11.69 -20.81 20.83
N LYS A 194 -12.14 -21.86 20.16
CA LYS A 194 -13.54 -22.24 20.26
C LYS A 194 -13.97 -22.67 21.67
N SER A 195 -13.09 -23.37 22.40
CA SER A 195 -13.46 -23.84 23.75
C SER A 195 -13.69 -22.65 24.67
N ALA A 196 -13.12 -21.50 24.29
CA ALA A 196 -13.25 -20.27 25.06
C ALA A 196 -14.46 -19.42 24.63
N GLY A 197 -15.24 -19.93 23.69
CA GLY A 197 -16.47 -19.25 23.24
C GLY A 197 -16.24 -18.23 22.12
N LYS A 198 -15.02 -18.21 21.60
CA LYS A 198 -14.68 -17.28 20.53
C LYS A 198 -14.77 -17.98 19.19
N GLU A 199 -15.10 -17.26 18.14
CA GLU A 199 -15.01 -17.91 16.86
C GLU A 199 -13.58 -17.88 16.39
N ALA A 200 -13.27 -18.83 15.52
CA ALA A 200 -11.90 -19.00 15.09
C ALA A 200 -11.84 -18.95 13.59
N TYR A 201 -11.00 -18.05 13.08
CA TYR A 201 -10.86 -17.87 11.64
C TYR A 201 -9.44 -18.16 11.25
N VAL A 202 -9.26 -19.22 10.46
CA VAL A 202 -7.94 -19.52 9.95
C VAL A 202 -7.73 -18.74 8.67
N VAL A 203 -6.64 -17.98 8.67
CA VAL A 203 -6.31 -17.08 7.58
C VAL A 203 -4.84 -17.34 7.23
N PRO A 204 -4.48 -17.28 5.93
CA PRO A 204 -3.06 -17.47 5.55
C PRO A 204 -2.14 -16.61 6.42
N ALA A 205 -1.07 -17.20 6.97
CA ALA A 205 -0.26 -16.49 7.96
C ALA A 205 0.35 -15.19 7.44
N ASP A 206 0.58 -15.12 6.13
CA ASP A 206 1.20 -13.93 5.55
C ASP A 206 0.21 -12.76 5.46
N VAL A 207 -1.04 -13.00 5.79
CA VAL A 207 -2.08 -11.99 5.69
C VAL A 207 -2.70 -11.71 7.05
N SER A 208 -2.51 -12.64 7.98
CA SER A 208 -3.27 -12.64 9.23
C SER A 208 -3.12 -11.34 10.05
N SER A 209 -1.90 -10.85 10.18
CA SER A 209 -1.72 -9.66 11.03
C SER A 209 -2.28 -8.39 10.36
N VAL A 210 -2.34 -8.34 9.03
CA VAL A 210 -2.87 -7.17 8.32
C VAL A 210 -4.40 -7.02 8.57
N VAL A 211 -5.03 -8.14 8.89
CA VAL A 211 -6.48 -8.17 9.04
C VAL A 211 -6.90 -8.05 10.52
N ALA A 212 -5.95 -8.26 11.44
CA ALA A 212 -6.28 -8.30 12.87
C ALA A 212 -5.47 -7.34 13.75
N ASP A 213 -4.29 -6.91 13.31
CA ASP A 213 -3.46 -5.98 14.08
C ASP A 213 -4.16 -4.65 14.22
N GLY A 215 -3.11 -2.13 12.74
CA GLY A 215 -3.05 -1.55 11.41
C GLY A 215 -4.23 -1.93 10.53
N SER A 216 -5.12 -2.77 11.05
CA SER A 216 -6.35 -3.11 10.35
C SER A 216 -7.19 -1.86 10.10
N LEU A 217 -6.98 -0.81 10.91
CA LEU A 217 -7.55 0.50 10.65
C LEU A 217 -7.10 0.95 9.25
N VAL A 218 -5.80 0.89 9.00
CA VAL A 218 -5.25 1.28 7.69
C VAL A 218 -5.74 0.35 6.59
N THR A 219 -5.82 -0.94 6.89
CA THR A 219 -6.30 -1.89 5.90
C THR A 219 -7.72 -1.56 5.47
N ALA A 220 -8.60 -1.29 6.43
CA ALA A 220 -9.98 -1.01 6.14
C ALA A 220 -10.10 0.29 5.35
N VAL A 221 -9.40 1.33 5.77
CA VAL A 221 -9.50 2.62 5.10
C VAL A 221 -8.85 2.57 3.70
N ALA A 222 -7.67 1.98 3.57
CA ALA A 222 -7.09 1.85 2.24
C ALA A 222 -7.95 1.00 1.31
N LEU A 223 -8.55 -0.07 1.83
CA LEU A 223 -9.38 -0.93 0.99
C LEU A 223 -10.60 -0.18 0.46
N SER A 224 -11.21 0.66 1.29
CA SER A 224 -12.39 1.41 0.87
C SER A 224 -12.01 2.38 -0.26
N GLY A 225 -10.82 2.96 -0.18
CA GLY A 225 -10.32 3.81 -1.25
C GLY A 225 -10.08 3.04 -2.54
N VAL A 226 -9.47 1.87 -2.44
CA VAL A 226 -9.27 1.01 -3.61
C VAL A 226 -10.61 0.64 -4.28
N LEU A 227 -11.62 0.30 -3.48
CA LEU A 227 -12.94 -0.08 -4.02
C LEU A 227 -13.69 1.11 -4.58
N ASP A 228 -13.48 2.28 -3.98
CA ASP A 228 -14.04 3.52 -4.52
C ASP A 228 -13.47 3.73 -5.92
N TYR A 229 -12.16 3.68 -6.06
CA TYR A 229 -11.53 3.90 -7.36
C TYR A 229 -11.95 2.83 -8.37
N TYR A 230 -12.00 1.57 -7.92
CA TYR A 230 -12.41 0.46 -8.76
C TYR A 230 -13.82 0.69 -9.32
N THR A 231 -14.74 1.12 -8.47
CA THR A 231 -16.12 1.36 -8.88
C THR A 231 -16.22 2.50 -9.88
N VAL A 232 -15.62 3.63 -9.54
CA VAL A 232 -15.61 4.81 -10.41
C VAL A 232 -14.91 4.51 -11.72
N GLY A 233 -13.78 3.81 -11.61
CA GLY A 233 -12.98 3.45 -12.76
C GLY A 233 -13.75 2.60 -13.75
N ARG A 234 -14.40 1.55 -13.24
CA ARG A 234 -15.08 0.60 -14.11
C ARG A 234 -16.41 1.12 -14.62
N LYS A 235 -17.18 1.75 -13.73
CA LYS A 235 -18.57 2.06 -14.05
C LYS A 235 -18.81 3.46 -14.58
N ILE A 236 -17.95 4.42 -14.24
CA ILE A 236 -18.12 5.76 -14.79
C ILE A 236 -17.18 5.99 -15.97
N ILE A 237 -15.90 5.77 -15.72
CA ILE A 237 -14.88 6.06 -16.70
C ILE A 237 -14.72 4.96 -17.76
N ASN A 238 -15.07 3.74 -17.37
CA ASN A 238 -14.85 2.54 -18.18
C ASN A 238 -13.38 2.38 -18.54
N ALA A 239 -12.51 2.68 -17.57
CA ALA A 239 -11.09 2.42 -17.70
C ALA A 239 -10.82 0.92 -17.68
N PRO A 240 -9.80 0.48 -18.44
CA PRO A 240 -9.42 -0.94 -18.39
C PRO A 240 -9.11 -1.40 -16.97
N LYS A 241 -9.59 -2.59 -16.63
CA LYS A 241 -9.40 -3.16 -15.30
C LYS A 241 -7.92 -3.27 -14.94
N LYS A 242 -7.10 -3.61 -15.92
CA LYS A 242 -5.66 -3.77 -15.68
C LYS A 242 -4.97 -2.44 -15.44
N ILE A 244 -6.49 0.13 -13.91
CA ILE A 244 -6.90 0.41 -12.56
C ILE A 244 -6.04 -0.35 -11.57
N GLU A 245 -5.85 -1.64 -11.84
CA GLU A 245 -5.07 -2.49 -10.92
C GLU A 245 -3.63 -2.05 -10.89
N GLN A 246 -3.08 -1.68 -12.06
CA GLN A 246 -1.70 -1.18 -12.09
C GLN A 246 -1.53 0.07 -11.25
N GLN A 247 -2.49 0.99 -11.33
CA GLN A 247 -2.40 2.23 -10.55
C GLN A 247 -2.58 1.98 -9.04
N VAL A 248 -3.46 1.06 -8.67
CA VAL A 248 -3.60 0.68 -7.27
C VAL A 248 -2.29 0.11 -6.74
N ILE A 249 -1.69 -0.76 -7.54
CA ILE A 249 -0.44 -1.40 -7.12
C ILE A 249 0.65 -0.34 -6.95
N THR A 251 0.41 2.87 -6.34
CA THR A 251 0.11 3.72 -5.20
C THR A 251 0.48 3.05 -3.87
N LEU A 252 -0.07 1.87 -3.64
CA LEU A 252 0.15 1.14 -2.40
C LEU A 252 1.62 0.77 -2.24
N GLN A 253 2.25 0.32 -3.34
CA GLN A 253 3.70 -0.01 -3.28
C GLN A 253 4.56 1.23 -2.97
N THR A 254 4.27 2.33 -3.65
CA THR A 254 5.10 3.55 -3.52
C THR A 254 5.04 4.09 -2.10
N ALA A 256 4.21 2.24 0.64
CA ALA A 256 4.92 1.26 1.47
C ALA A 256 6.44 1.47 1.42
N SER A 257 6.95 1.63 0.21
CA SER A 257 8.38 1.82 0.01
C SER A 257 8.87 3.13 0.63
N LEU A 258 8.08 4.19 0.52
CA LEU A 258 8.49 5.47 1.08
C LEU A 258 8.53 5.41 2.60
N VAL A 259 7.55 4.75 3.19
CA VAL A 259 7.57 4.63 4.66
C VAL A 259 8.77 3.79 5.11
N GLU A 260 9.06 2.74 4.35
CA GLU A 260 10.21 1.89 4.65
C GLU A 260 11.54 2.65 4.63
N THR A 261 11.77 3.49 3.62
CA THR A 261 13.05 4.21 3.54
C THR A 261 13.07 5.52 4.32
N SER A 262 11.90 6.15 4.46
CA SER A 262 11.87 7.55 4.88
C SER A 262 10.96 7.86 6.07
N GLY A 263 10.25 6.85 6.57
CA GLY A 263 9.33 7.03 7.68
C GLY A 263 8.04 7.66 7.20
N ILE A 264 7.04 7.71 8.07
CA ILE A 264 5.76 8.29 7.69
C ILE A 264 5.92 9.76 7.28
N GLU A 265 6.71 10.54 8.03
CA GLU A 265 6.85 11.97 7.70
C GLU A 265 7.55 12.19 6.35
N GLY A 266 8.59 11.41 6.07
CA GLY A 266 9.23 11.47 4.77
C GLY A 266 8.32 11.05 3.63
N VAL A 268 5.11 11.44 3.65
CA VAL A 268 4.16 12.54 3.49
C VAL A 268 4.81 13.67 2.71
N LYS A 269 6.07 13.94 2.99
CA LYS A 269 6.80 15.00 2.28
C LYS A 269 6.89 14.69 0.78
N ALA A 270 7.17 13.43 0.46
CA ALA A 270 7.35 13.02 -0.93
C ALA A 270 6.02 13.12 -1.70
N LEU A 271 4.93 12.74 -1.06
CA LEU A 271 3.65 12.77 -1.75
C LEU A 271 3.01 14.18 -1.80
N ASN A 272 3.35 15.05 -0.86
CA ASN A 272 2.86 16.43 -0.87
C ASN A 272 1.32 16.54 -0.80
N PRO A 273 0.77 16.55 0.42
CA PRO A 273 -0.68 16.66 0.67
C PRO A 273 -1.40 17.73 -0.17
N GLU A 274 -0.84 18.94 -0.26
CA GLU A 274 -1.45 19.97 -1.10
C GLU A 274 -1.72 19.52 -2.54
N LEU A 275 -0.69 19.05 -3.25
CA LEU A 275 -0.86 18.52 -4.61
C LEU A 275 -1.88 17.38 -4.67
N LEU A 276 -1.76 16.47 -3.72
CA LEU A 276 -2.64 15.31 -3.59
C LEU A 276 -4.11 15.72 -3.45
N ILE A 277 -4.34 16.67 -2.57
CA ILE A 277 -5.69 17.17 -2.35
C ILE A 277 -6.29 17.74 -3.64
N ARG A 278 -5.53 18.53 -4.39
CA ARG A 278 -6.01 19.10 -5.64
C ARG A 278 -6.33 17.99 -6.62
N SER A 279 -5.41 17.04 -6.74
CA SER A 279 -5.56 15.98 -7.70
C SER A 279 -6.76 15.09 -7.34
N ALA A 280 -6.83 14.67 -6.08
CA ALA A 280 -7.90 13.77 -5.64
C ALA A 280 -9.25 14.44 -5.72
N SER A 281 -9.30 15.77 -5.54
CA SER A 281 -10.54 16.53 -5.71
C SER A 281 -11.16 16.34 -7.09
N SER A 282 -10.32 16.16 -8.11
CA SER A 282 -10.79 16.00 -9.49
C SER A 282 -11.35 14.60 -9.74
N LYS A 284 -13.61 13.46 -7.48
CA LYS A 284 -14.88 13.57 -6.77
C LYS A 284 -16.01 13.63 -7.79
N LEU A 285 -16.50 12.46 -8.18
CA LEU A 285 -17.48 12.38 -9.25
C LEU A 285 -18.87 12.06 -8.73
N LEU A 286 -18.93 11.60 -7.49
CA LEU A 286 -20.15 11.00 -6.93
C LEU A 286 -20.34 11.38 -5.48
N ASP A 287 -21.61 11.42 -5.06
CA ASP A 287 -21.94 11.64 -3.66
C ASP A 287 -21.74 10.35 -2.86
N ARG A 288 -21.45 9.27 -3.58
CA ARG A 288 -21.22 7.97 -2.95
C ARG A 288 -19.86 7.91 -2.26
N GLN A 289 -19.01 8.89 -2.52
CA GLN A 289 -17.62 8.80 -2.07
C GLN A 289 -17.31 9.46 -0.74
N LYS A 290 -17.86 8.91 0.35
CA LYS A 290 -17.66 9.54 1.65
C LYS A 290 -16.25 9.25 2.18
N ASP A 291 -15.61 8.21 1.63
CA ASP A 291 -14.20 7.95 1.92
C ASP A 291 -13.32 9.06 1.39
N LEU A 292 -13.56 9.48 0.15
CA LEU A 292 -12.81 10.56 -0.44
C LEU A 292 -13.11 11.86 0.32
N ASP A 293 -14.37 12.10 0.64
CA ASP A 293 -14.74 13.27 1.43
C ASP A 293 -13.99 13.34 2.77
N ALA A 294 -13.98 12.24 3.51
CA ALA A 294 -13.31 12.21 4.81
C ALA A 294 -11.81 12.44 4.64
N ALA A 295 -11.24 11.87 3.58
CA ALA A 295 -9.81 11.99 3.29
C ALA A 295 -9.41 13.43 3.00
N LEU A 296 -10.22 14.13 2.21
CA LEU A 296 -9.91 15.50 1.84
C LEU A 296 -9.94 16.39 3.08
N GLU A 297 -10.84 16.12 4.02
CA GLU A 297 -10.87 16.99 5.20
C GLU A 297 -9.71 16.66 6.14
N ILE A 298 -9.38 15.38 6.26
CA ILE A 298 -8.26 15.00 7.09
C ILE A 298 -6.95 15.60 6.56
N LEU A 299 -6.71 15.46 5.27
CA LEU A 299 -5.46 15.96 4.72
C LEU A 299 -5.36 17.49 4.69
N GLN A 300 -6.49 18.16 4.53
CA GLN A 300 -6.46 19.63 4.43
C GLN A 300 -6.49 20.28 5.81
N ASN A 301 -6.62 19.46 6.86
CA ASN A 301 -6.63 20.01 8.21
C ASN A 301 -5.60 19.31 9.10
N LEU A 302 -4.42 19.06 8.53
CA LEU A 302 -3.32 18.41 9.26
C LEU A 302 -2.78 19.25 10.42
N ASP A 303 -2.53 18.55 11.54
CA ASP A 303 -1.84 19.04 12.72
C ASP A 303 -0.60 19.87 12.35
N GLU A 304 -0.40 20.99 13.03
CA GLU A 304 0.66 21.93 12.66
C GLU A 304 2.05 21.41 13.07
N THR A 305 2.10 20.55 14.08
CA THR A 305 3.36 19.98 14.50
C THR A 305 3.72 18.81 13.60
N LEU A 306 2.70 18.15 13.08
CA LEU A 306 2.93 17.11 12.08
C LEU A 306 3.44 17.76 10.80
N LYS A 307 2.84 18.89 10.42
CA LYS A 307 3.21 19.53 9.17
C LYS A 307 4.62 20.11 9.24
N ALA A 308 5.02 20.51 10.44
CA ALA A 308 6.36 21.03 10.67
C ALA A 308 7.37 19.90 10.57
N GLU A 309 7.02 18.74 11.11
CA GLU A 309 7.93 17.62 11.13
C GLU A 309 8.04 17.00 9.74
N VAL A 310 7.01 17.15 8.94
CA VAL A 310 7.05 16.68 7.56
C VAL A 310 8.07 17.49 6.73
N GLU A 311 8.00 18.82 6.81
CA GLU A 311 8.96 19.65 6.09
C GLU A 311 10.41 19.45 6.52
N LYS A 312 10.64 19.07 7.79
CA LYS A 312 11.99 18.81 8.25
C LYS A 312 12.50 17.45 7.76
N ALA A 313 11.58 16.60 7.30
CA ALA A 313 11.93 15.23 6.94
C ALA A 313 12.79 15.15 5.68
N GLU A 314 13.64 14.13 5.61
CA GLU A 314 14.38 13.86 4.40
C GLU A 314 13.74 12.69 3.65
N ILE A 315 13.65 12.82 2.34
CA ILE A 315 13.23 11.73 1.48
C ILE A 315 14.47 10.95 1.05
N LYS A 316 14.55 9.69 1.48
CA LYS A 316 15.70 8.82 1.24
C LYS A 316 15.56 8.10 -0.11
N PRO A 317 16.67 7.61 -0.68
CA PRO A 317 16.61 6.83 -1.93
C PRO A 317 15.61 5.70 -1.85
N THR A 318 14.68 5.68 -2.80
CA THR A 318 13.60 4.70 -2.82
C THR A 318 13.47 4.14 -4.24
N THR A 319 13.42 2.81 -4.37
CA THR A 319 13.43 2.20 -5.69
C THR A 319 12.02 1.76 -6.12
N LEU A 320 11.57 2.22 -7.28
CA LEU A 320 10.30 1.76 -7.83
C LEU A 320 10.46 0.28 -8.17
N VAL A 321 9.59 -0.57 -7.61
CA VAL A 321 9.62 -1.99 -7.94
C VAL A 321 8.22 -2.51 -8.18
N ALA A 322 8.16 -3.62 -8.89
CA ALA A 322 6.98 -4.46 -8.96
C ALA A 322 7.30 -5.66 -8.08
N ALA A 323 6.79 -5.69 -6.85
CA ALA A 323 7.34 -6.58 -5.81
C ALA A 323 7.18 -8.06 -6.09
N GLN A 324 5.97 -8.51 -6.42
CA GLN A 324 5.79 -9.94 -6.67
C GLN A 324 6.49 -10.38 -7.97
N SER A 325 6.47 -9.50 -8.96
CA SER A 325 7.18 -9.75 -10.20
C SER A 325 8.67 -9.87 -9.92
N LEU A 326 9.17 -9.01 -9.03
CA LEU A 326 10.58 -9.06 -8.63
C LEU A 326 10.93 -10.35 -7.86
N VAL A 327 10.06 -10.76 -6.96
CA VAL A 327 10.24 -12.03 -6.27
C VAL A 327 10.38 -13.18 -7.28
N LYS A 328 9.51 -13.23 -8.29
CA LYS A 328 9.63 -14.30 -9.29
C LYS A 328 10.95 -14.18 -10.05
N GLU A 329 11.30 -12.94 -10.35
CA GLU A 329 12.52 -12.63 -11.09
C GLU A 329 13.74 -13.13 -10.30
N ILE A 330 13.79 -12.87 -9.00
CA ILE A 330 14.97 -13.34 -8.26
C ILE A 330 14.94 -14.86 -8.02
N LYS A 331 13.76 -15.45 -7.85
CA LYS A 331 13.70 -16.92 -7.76
C LYS A 331 14.31 -17.57 -9.02
N THR A 332 14.02 -17.04 -10.20
CA THR A 332 14.60 -17.61 -11.42
C THR A 332 16.09 -17.28 -11.58
N LEU A 333 16.48 -16.11 -11.05
CA LEU A 333 17.83 -15.60 -11.26
C LEU A 333 18.82 -16.36 -10.39
N ILE A 334 18.53 -16.47 -9.09
CA ILE A 334 19.47 -17.12 -8.18
C ILE A 334 18.95 -18.45 -7.59
N GLY A 335 17.76 -18.87 -7.98
CA GLY A 335 17.25 -20.18 -7.54
C GLY A 335 16.32 -20.02 -6.35
N GLY A 336 15.42 -20.98 -6.14
CA GLY A 336 14.43 -20.86 -5.07
C GLY A 336 15.03 -20.70 -3.67
N ALA A 337 16.00 -21.55 -3.34
CA ALA A 337 16.59 -21.54 -2.00
C ALA A 337 17.31 -20.23 -1.69
N ALA A 338 18.12 -19.76 -2.64
CA ALA A 338 18.83 -18.50 -2.44
C ALA A 338 17.88 -17.31 -2.38
N ALA A 339 16.85 -17.32 -3.21
CA ALA A 339 15.88 -16.22 -3.18
C ALA A 339 15.14 -16.21 -1.82
N GLU A 340 14.76 -17.38 -1.33
CA GLU A 340 14.06 -17.44 -0.05
C GLU A 340 14.96 -16.93 1.08
N GLY A 341 16.26 -17.25 1.01
CA GLY A 341 17.21 -16.71 1.96
C GLY A 341 17.25 -15.20 1.92
N ALA A 342 17.27 -14.63 0.72
CA ALA A 342 17.29 -13.18 0.55
C ALA A 342 16.01 -12.54 1.11
N ILE A 343 14.87 -13.19 0.85
CA ILE A 343 13.57 -12.70 1.33
C ILE A 343 13.52 -12.78 2.85
N LYS A 344 14.05 -13.87 3.40
CA LYS A 344 14.11 -14.06 4.84
C LYS A 344 14.99 -13.02 5.52
N ARG A 345 16.22 -12.85 5.03
CA ARG A 345 17.16 -11.96 5.70
C ARG A 345 16.68 -10.50 5.63
N SER A 346 16.17 -10.09 4.46
CA SER A 346 15.74 -8.70 4.30
C SER A 346 14.47 -8.40 5.11
N ALA A 347 13.59 -9.41 5.25
CA ALA A 347 12.39 -9.26 6.09
C ALA A 347 12.78 -9.10 7.55
N ARG A 348 13.71 -9.93 8.04
CA ARG A 348 14.20 -9.79 9.40
C ARG A 348 14.85 -8.45 9.65
N LYS A 349 15.55 -7.95 8.65
CA LYS A 349 16.30 -6.71 8.85
C LYS A 349 15.29 -5.57 9.13
N LEU A 350 14.19 -5.52 8.39
CA LEU A 350 13.18 -4.49 8.61
C LEU A 350 12.28 -4.73 9.83
N PHE A 351 11.73 -5.94 9.95
CA PHE A 351 10.69 -6.22 10.94
C PHE A 351 11.21 -6.78 12.27
N GLU A 352 12.46 -7.23 12.33
CA GLU A 352 12.98 -7.71 13.59
C GLU A 352 14.07 -6.79 14.12
N HIS A 353 15.03 -6.46 13.26
CA HIS A 353 16.18 -5.67 13.68
C HIS A 353 16.09 -4.24 13.16
N ASP B 10 10.38 33.24 -25.09
CA ASP B 10 10.58 31.97 -25.77
C ASP B 10 9.26 31.39 -26.27
N ASN B 11 9.27 30.85 -27.48
CA ASN B 11 8.18 30.01 -27.95
C ASN B 11 8.79 28.74 -28.51
N LYS B 13 8.48 24.64 -30.29
CA LYS B 13 7.77 23.70 -31.11
C LYS B 13 7.29 22.56 -30.23
N VAL B 14 5.97 22.38 -30.18
CA VAL B 14 5.38 21.37 -29.32
C VAL B 14 4.53 20.38 -30.16
N SER B 15 4.63 19.10 -29.80
CA SER B 15 3.80 18.06 -30.38
C SER B 15 2.98 17.42 -29.28
N VAL B 16 1.67 17.32 -29.52
CA VAL B 16 0.77 16.65 -28.58
C VAL B 16 0.19 15.45 -29.31
N TYR B 17 0.20 14.30 -28.64
CA TYR B 17 -0.30 13.09 -29.26
C TYR B 17 -1.57 12.66 -28.57
N GLY B 18 -2.69 12.79 -29.27
CA GLY B 18 -3.99 12.38 -28.74
C GLY B 18 -4.93 13.55 -28.44
N ALA B 19 -6.08 13.56 -29.11
CA ALA B 19 -7.05 14.64 -28.95
C ALA B 19 -7.84 14.49 -27.65
N GLY B 20 -7.92 13.26 -27.15
CA GLY B 20 -8.74 12.96 -25.99
C GLY B 20 -10.13 12.51 -26.38
N ASN B 21 -10.69 11.58 -25.61
CA ASN B 21 -12.00 11.02 -25.90
C ASN B 21 -13.12 11.96 -25.50
N GLN B 22 -13.60 12.77 -26.44
CA GLN B 22 -14.58 13.81 -26.09
C GLN B 22 -15.93 13.19 -25.65
N ASN B 23 -16.28 12.01 -26.15
CA ASN B 23 -17.49 11.34 -25.70
C ASN B 23 -17.40 11.07 -24.18
N LEU B 24 -16.23 10.62 -23.73
CA LEU B 24 -15.97 10.44 -22.30
C LEU B 24 -16.17 11.74 -21.52
N TYR B 25 -15.51 12.81 -21.97
CA TYR B 25 -15.54 14.08 -21.23
C TYR B 25 -16.93 14.70 -21.20
N ILE B 26 -17.63 14.64 -22.33
CA ILE B 26 -18.91 15.32 -22.45
C ILE B 26 -20.07 14.46 -21.95
N ASN B 27 -20.11 13.20 -22.34
CA ASN B 27 -21.26 12.36 -22.03
C ASN B 27 -21.07 11.43 -20.83
N LYS B 28 -19.87 10.90 -20.64
CA LYS B 28 -19.66 10.00 -19.51
C LYS B 28 -19.46 10.81 -18.23
N LEU B 29 -18.49 11.72 -18.26
CA LEU B 29 -18.15 12.50 -17.08
C LEU B 29 -19.05 13.72 -16.91
N ASN B 30 -19.74 14.11 -17.98
CA ASN B 30 -20.56 15.32 -17.99
C ASN B 30 -19.79 16.52 -17.44
N LEU B 31 -18.56 16.71 -17.91
CA LEU B 31 -17.71 17.79 -17.41
C LEU B 31 -18.31 19.19 -17.57
N PRO B 32 -18.91 19.49 -18.73
CA PRO B 32 -19.41 20.87 -18.86
C PRO B 32 -20.33 21.30 -17.73
N GLU B 33 -21.07 20.37 -17.15
CA GLU B 33 -22.06 20.78 -16.17
C GLU B 33 -21.68 20.41 -14.74
N LYS B 34 -20.79 19.45 -14.54
CA LYS B 34 -20.42 19.09 -13.16
C LYS B 34 -19.11 19.78 -12.75
N PHE B 35 -18.26 20.13 -13.71
CA PHE B 35 -16.97 20.75 -13.40
C PHE B 35 -16.89 22.17 -13.97
N GLY B 36 -17.33 22.31 -15.22
CA GLY B 36 -17.24 23.58 -15.91
C GLY B 36 -16.45 23.50 -17.20
N GLY B 37 -16.18 24.67 -17.79
CA GLY B 37 -15.50 24.77 -19.07
C GLY B 37 -16.33 24.34 -20.27
N GLU B 38 -15.69 24.28 -21.42
CA GLU B 38 -16.35 23.85 -22.64
C GLU B 38 -15.43 22.89 -23.38
N PRO B 39 -15.99 21.93 -24.10
CA PRO B 39 -15.13 21.04 -24.89
C PRO B 39 -14.48 21.84 -26.02
N PRO B 40 -13.39 21.33 -26.61
CA PRO B 40 -12.81 20.01 -26.28
C PRO B 40 -12.04 20.03 -24.97
N TYR B 41 -11.88 18.85 -24.37
CA TYR B 41 -11.09 18.70 -23.15
C TYR B 41 -9.87 17.83 -23.45
N GLY B 42 -8.98 17.70 -22.48
CA GLY B 42 -7.89 16.75 -22.61
C GLY B 42 -6.80 17.18 -23.56
N GLY B 43 -6.22 16.23 -24.31
CA GLY B 43 -5.06 16.52 -25.14
C GLY B 43 -5.22 17.66 -26.13
N SER B 44 -6.38 17.69 -26.81
CA SER B 44 -6.63 18.73 -27.80
C SER B 44 -6.75 20.10 -27.12
N ARG B 45 -7.22 20.10 -25.87
CA ARG B 45 -7.27 21.34 -25.09
C ARG B 45 -5.89 21.79 -24.67
N ALA B 47 -3.18 21.32 -26.40
CA ALA B 47 -2.64 21.89 -27.63
C ALA B 47 -3.16 23.32 -27.85
N ILE B 48 -4.47 23.51 -27.68
CA ILE B 48 -5.06 24.85 -27.77
C ILE B 48 -4.40 25.82 -26.79
N GLU B 49 -4.24 25.40 -25.53
CA GLU B 49 -3.64 26.28 -24.52
C GLU B 49 -2.17 26.59 -24.85
N PHE B 50 -1.47 25.61 -25.39
CA PHE B 50 -0.07 25.82 -25.76
C PHE B 50 0.02 26.80 -26.93
N ALA B 51 -0.90 26.69 -27.89
CA ALA B 51 -0.91 27.59 -29.05
C ALA B 51 -1.28 29.03 -28.67
N GLU B 52 -2.23 29.16 -27.75
CA GLU B 52 -2.62 30.47 -27.22
C GLU B 52 -1.50 31.08 -26.37
N ALA B 53 -0.57 30.24 -25.91
CA ALA B 53 0.60 30.70 -25.16
C ALA B 53 1.71 31.17 -26.12
N GLY B 54 1.52 30.95 -27.41
CA GLY B 54 2.45 31.43 -28.42
C GLY B 54 3.34 30.37 -29.03
N HIS B 55 3.11 29.10 -28.66
CA HIS B 55 3.94 28.02 -29.15
C HIS B 55 3.49 27.51 -30.53
N ASP B 56 4.40 26.79 -31.19
CA ASP B 56 4.16 26.24 -32.52
C ASP B 56 3.73 24.79 -32.36
N VAL B 57 2.43 24.55 -32.46
CA VAL B 57 1.86 23.29 -31.98
C VAL B 57 1.30 22.39 -33.09
N VAL B 58 1.66 21.11 -33.00
CA VAL B 58 1.10 20.07 -33.86
C VAL B 58 0.35 19.08 -32.98
N LEU B 59 -0.86 18.72 -33.39
CA LEU B 59 -1.59 17.68 -32.68
C LEU B 59 -1.75 16.45 -33.57
N ALA B 60 -1.25 15.31 -33.12
CA ALA B 60 -1.36 14.06 -33.89
C ALA B 60 -2.55 13.23 -33.41
N GLU B 61 -3.51 13.03 -34.29
CA GLU B 61 -4.71 12.27 -33.97
C GLU B 61 -5.19 11.47 -35.18
N PRO B 62 -4.99 10.15 -35.15
CA PRO B 62 -5.35 9.32 -36.31
C PRO B 62 -6.85 9.18 -36.52
N ASN B 63 -7.65 9.45 -35.49
CA ASN B 63 -9.10 9.23 -35.58
C ASN B 63 -9.88 10.54 -35.63
N LYS B 64 -10.24 10.94 -36.85
CA LYS B 64 -10.95 12.20 -37.03
C LYS B 64 -12.33 12.15 -36.36
N ASN B 65 -12.88 10.95 -36.18
CA ASN B 65 -14.20 10.79 -35.60
C ASN B 65 -14.24 10.96 -34.09
N ILE B 66 -13.09 11.23 -33.47
CA ILE B 66 -13.01 11.34 -32.03
C ILE B 66 -13.74 12.58 -31.49
N SER B 68 -16.66 16.02 -33.02
CA SER B 68 -17.38 16.66 -34.11
C SER B 68 -16.55 17.74 -34.82
N ASP B 69 -16.98 18.12 -36.03
CA ASP B 69 -16.31 19.16 -36.79
C ASP B 69 -16.30 20.49 -36.04
N ASP B 70 -17.38 20.75 -35.29
CA ASP B 70 -17.49 21.96 -34.50
C ASP B 70 -16.39 22.07 -33.45
N LEU B 71 -16.02 20.94 -32.86
CA LEU B 71 -14.93 20.95 -31.88
C LEU B 71 -13.56 21.00 -32.53
N TRP B 72 -13.38 20.30 -33.65
CA TRP B 72 -12.13 20.38 -34.44
C TRP B 72 -11.82 21.81 -34.81
N LYS B 73 -12.88 22.55 -35.12
CA LYS B 73 -12.76 23.93 -35.48
C LYS B 73 -12.15 24.80 -34.38
N LYS B 74 -12.52 24.53 -33.12
CA LYS B 74 -11.92 25.24 -32.00
C LYS B 74 -10.43 25.02 -31.96
N VAL B 75 -10.02 23.78 -32.26
CA VAL B 75 -8.61 23.44 -32.31
C VAL B 75 -7.91 24.21 -33.45
N GLU B 76 -8.49 24.19 -34.63
CA GLU B 76 -7.84 24.84 -35.77
C GLU B 76 -7.75 26.34 -35.59
N ASP B 77 -8.77 26.95 -35.00
CA ASP B 77 -8.78 28.40 -34.80
C ASP B 77 -7.73 28.87 -33.82
N ALA B 78 -7.27 27.98 -32.94
CA ALA B 78 -6.22 28.31 -31.99
C ALA B 78 -4.86 28.30 -32.66
N GLY B 79 -4.80 27.78 -33.88
CA GLY B 79 -3.56 27.72 -34.63
C GLY B 79 -2.82 26.40 -34.50
N VAL B 80 -3.49 25.42 -33.91
CA VAL B 80 -2.96 24.06 -33.84
C VAL B 80 -3.00 23.42 -35.23
N LYS B 81 -1.88 22.84 -35.66
CA LYS B 81 -1.86 22.09 -36.90
C LYS B 81 -2.15 20.62 -36.61
N VAL B 82 -3.20 20.07 -37.21
CA VAL B 82 -3.58 18.68 -36.93
C VAL B 82 -3.06 17.74 -38.01
N VAL B 83 -2.43 16.65 -37.57
CA VAL B 83 -1.92 15.63 -38.48
C VAL B 83 -2.39 14.25 -38.02
N SER B 84 -2.51 13.32 -38.96
CA SER B 84 -2.93 11.98 -38.60
C SER B 84 -1.72 11.08 -38.42
N ASP B 85 -0.56 11.54 -38.87
CA ASP B 85 0.67 10.75 -38.83
C ASP B 85 1.60 11.14 -37.67
N ASP B 86 1.77 10.22 -36.71
CA ASP B 86 2.62 10.45 -35.54
C ASP B 86 4.06 10.82 -35.90
N VAL B 87 4.56 10.26 -36.98
CA VAL B 87 5.95 10.48 -37.39
C VAL B 87 6.19 11.94 -37.78
N GLU B 88 5.18 12.56 -38.39
CA GLU B 88 5.29 13.96 -38.78
C GLU B 88 5.34 14.83 -37.53
N ALA B 89 4.52 14.49 -36.54
CA ALA B 89 4.53 15.21 -35.28
C ALA B 89 5.86 15.01 -34.57
N ALA B 90 6.43 13.82 -34.73
CA ALA B 90 7.72 13.50 -34.09
C ALA B 90 8.85 14.41 -34.60
N LYS B 91 8.89 14.64 -35.90
CA LYS B 91 9.94 15.49 -36.48
C LYS B 91 9.76 16.96 -36.08
N HIS B 92 8.55 17.33 -35.71
CA HIS B 92 8.24 18.72 -35.43
C HIS B 92 8.71 19.23 -34.05
N GLY B 93 8.33 18.53 -32.98
CA GLY B 93 8.45 19.12 -31.65
C GLY B 93 9.80 19.02 -30.95
N GLU B 94 10.10 20.00 -30.11
CA GLU B 94 11.17 19.90 -29.13
C GLU B 94 10.66 19.12 -27.93
N ILE B 95 9.36 19.19 -27.73
CA ILE B 95 8.73 18.53 -26.62
C ILE B 95 7.49 17.83 -27.11
N HIS B 96 7.33 16.59 -26.64
CA HIS B 96 6.32 15.67 -27.12
C HIS B 96 5.48 15.19 -25.96
N VAL B 97 4.18 15.46 -26.05
CA VAL B 97 3.26 15.21 -24.96
C VAL B 97 2.31 14.07 -25.32
N LEU B 98 2.46 12.95 -24.61
CA LEU B 98 1.64 11.78 -24.90
C LEU B 98 0.33 11.83 -24.12
N PHE B 99 -0.73 12.26 -24.78
CA PHE B 99 -2.08 12.14 -24.23
C PHE B 99 -2.76 10.92 -24.89
N THR B 100 -2.12 9.77 -24.72
CA THR B 100 -2.38 8.62 -25.57
C THR B 100 -3.20 7.58 -24.83
N PRO B 101 -3.94 6.72 -25.54
CA PRO B 101 -4.73 5.68 -24.87
C PRO B 101 -3.89 4.71 -24.03
N PHE B 102 -4.44 4.26 -22.90
CA PHE B 102 -3.72 3.33 -22.01
C PHE B 102 -3.17 2.12 -22.77
N GLY B 103 -2.00 1.67 -22.36
CA GLY B 103 -1.47 0.40 -22.83
C GLY B 103 -0.62 0.51 -24.08
N LYS B 104 -0.70 -0.52 -24.92
CA LYS B 104 0.13 -0.59 -26.13
C LYS B 104 0.16 0.71 -26.95
N ALA B 105 -0.96 1.42 -27.07
CA ALA B 105 -0.99 2.68 -27.83
C ALA B 105 0.10 3.65 -27.33
N THR B 106 0.14 3.89 -26.02
CA THR B 106 1.12 4.80 -25.44
C THR B 106 2.58 4.34 -25.65
N PHE B 107 2.84 3.06 -25.39
CA PHE B 107 4.18 2.50 -25.61
C PHE B 107 4.51 2.43 -27.09
N ARG B 108 3.51 2.11 -27.92
CA ARG B 108 3.70 2.02 -29.36
C ARG B 108 4.05 3.39 -29.94
N ILE B 109 3.33 4.42 -29.50
CA ILE B 109 3.57 5.77 -30.01
C ILE B 109 4.95 6.27 -29.58
N ALA B 110 5.31 6.06 -28.32
CA ALA B 110 6.64 6.41 -27.84
C ALA B 110 7.73 5.71 -28.67
N LYS B 111 7.58 4.42 -28.90
CA LYS B 111 8.56 3.67 -29.68
C LYS B 111 8.56 4.11 -31.15
N THR B 112 7.42 4.56 -31.65
CA THR B 112 7.34 5.09 -33.01
C THR B 112 8.11 6.39 -33.16
N ILE B 113 7.95 7.29 -32.20
CA ILE B 113 8.51 8.62 -32.37
C ILE B 113 9.97 8.72 -31.94
N ILE B 114 10.44 7.81 -31.09
CA ILE B 114 11.76 7.95 -30.47
C ILE B 114 12.91 8.07 -31.51
N GLU B 115 12.80 7.38 -32.64
CA GLU B 115 13.89 7.48 -33.59
C GLU B 115 13.71 8.62 -34.58
N HIS B 116 12.62 9.38 -34.44
CA HIS B 116 12.33 10.48 -35.34
C HIS B 116 12.36 11.86 -34.69
N VAL B 117 12.28 11.93 -33.37
CA VAL B 117 12.26 13.23 -32.69
C VAL B 117 13.60 13.95 -32.87
N PRO B 118 13.56 15.28 -32.89
CA PRO B 118 14.80 16.04 -33.10
C PRO B 118 15.80 15.85 -31.96
N GLU B 119 17.05 16.20 -32.22
CA GLU B 119 18.09 16.15 -31.20
C GLU B 119 17.65 16.84 -29.91
N ASN B 120 17.92 16.19 -28.77
CA ASN B 120 17.62 16.75 -27.44
C ASN B 120 16.14 16.88 -27.10
N ALA B 121 15.28 16.23 -27.88
CA ALA B 121 13.85 16.31 -27.60
C ALA B 121 13.51 15.66 -26.25
N VAL B 122 12.40 16.08 -25.68
CA VAL B 122 11.92 15.47 -24.46
C VAL B 122 10.55 14.87 -24.72
N ILE B 123 10.32 13.67 -24.21
CA ILE B 123 9.05 12.98 -24.36
C ILE B 123 8.42 12.86 -22.97
N CYS B 124 7.18 13.33 -22.86
CA CYS B 124 6.47 13.44 -21.59
C CYS B 124 5.18 12.67 -21.62
N ASN B 125 4.96 11.81 -20.63
CA ASN B 125 3.67 11.17 -20.48
C ASN B 125 2.72 12.08 -19.75
N THR B 126 1.41 11.82 -19.91
CA THR B 126 0.42 12.49 -19.08
C THR B 126 -0.24 11.41 -18.22
N CYS B 127 -1.56 11.36 -18.19
CA CYS B 127 -2.33 10.48 -17.31
C CYS B 127 -1.91 9.01 -17.37
N THR B 128 -1.55 8.57 -18.57
CA THR B 128 -1.57 7.17 -18.91
C THR B 128 -0.44 6.23 -18.43
N VAL B 129 0.78 6.73 -18.22
CA VAL B 129 1.87 5.86 -17.75
C VAL B 129 2.84 6.59 -16.79
N SER B 130 3.45 5.89 -15.84
CA SER B 130 4.57 6.44 -15.06
C SER B 130 5.78 6.74 -15.98
N PRO B 131 6.48 7.88 -15.75
CA PRO B 131 7.66 8.17 -16.58
C PRO B 131 8.81 7.15 -16.39
N VAL B 132 8.93 6.54 -15.22
CA VAL B 132 9.98 5.54 -14.99
C VAL B 132 9.71 4.33 -15.86
N VAL B 133 8.44 3.92 -15.94
CA VAL B 133 8.01 2.81 -16.79
C VAL B 133 8.20 3.15 -18.27
N LEU B 134 7.81 4.37 -18.65
CA LEU B 134 8.04 4.82 -20.03
C LEU B 134 9.55 4.77 -20.35
N TYR B 135 10.37 5.25 -19.42
CA TYR B 135 11.83 5.20 -19.60
C TYR B 135 12.32 3.77 -19.81
N TYR B 136 11.88 2.86 -18.94
CA TYR B 136 12.25 1.45 -19.07
C TYR B 136 11.88 0.83 -20.40
N SER B 137 10.72 1.19 -20.91
CA SER B 137 10.25 0.65 -22.18
C SER B 137 11.12 1.12 -23.36
N LEU B 138 11.76 2.27 -23.19
CA LEU B 138 12.58 2.86 -24.25
C LEU B 138 14.09 2.73 -23.98
N GLU B 139 14.43 2.21 -22.80
CA GLU B 139 15.81 2.17 -22.34
C GLU B 139 16.84 1.60 -23.34
N PRO B 140 16.50 0.50 -24.05
CA PRO B 140 17.51 0.03 -24.99
C PRO B 140 17.90 1.06 -26.08
N ILE B 141 16.97 1.93 -26.46
CA ILE B 141 17.27 2.96 -27.47
C ILE B 141 17.91 4.17 -26.81
N LEU B 142 17.35 4.56 -25.67
CA LEU B 142 17.83 5.69 -24.91
C LEU B 142 19.30 5.50 -24.48
N ARG B 143 19.68 4.29 -24.15
CA ARG B 143 21.05 4.02 -23.72
C ARG B 143 22.03 3.82 -24.87
N THR B 144 21.54 3.65 -26.09
CA THR B 144 22.43 3.41 -27.23
C THR B 144 22.36 4.58 -28.22
N LYS B 145 21.35 4.56 -29.08
CA LYS B 145 21.30 5.45 -30.25
C LYS B 145 20.78 6.85 -29.93
N ARG B 146 19.98 6.99 -28.88
CA ARG B 146 19.37 8.27 -28.58
C ARG B 146 19.63 8.72 -27.15
N LYS B 147 20.91 8.85 -26.79
CA LYS B 147 21.21 9.26 -25.42
C LYS B 147 20.92 10.74 -25.20
N ASP B 148 20.51 11.43 -26.25
CA ASP B 148 20.13 12.84 -26.15
C ASP B 148 18.70 13.06 -25.66
N VAL B 149 17.85 12.05 -25.83
CA VAL B 149 16.43 12.23 -25.54
C VAL B 149 16.13 12.11 -24.05
N GLY B 150 15.31 13.03 -23.54
CA GLY B 150 14.92 12.97 -22.14
C GLY B 150 13.51 12.43 -21.96
N ILE B 151 13.23 11.83 -20.81
CA ILE B 151 11.88 11.37 -20.46
C ILE B 151 11.39 12.16 -19.24
N SER B 152 10.20 12.72 -19.33
CA SER B 152 9.60 13.42 -18.19
C SER B 152 8.10 13.16 -18.19
N SER B 153 7.37 14.03 -17.51
CA SER B 153 5.93 13.90 -17.53
C SER B 153 5.29 15.27 -17.37
N HIS B 155 1.71 15.88 -16.01
CA HIS B 155 0.43 15.41 -15.47
C HIS B 155 -0.46 16.58 -15.09
N PRO B 156 -1.66 16.68 -15.69
CA PRO B 156 -2.54 17.78 -15.31
C PRO B 156 -3.19 17.47 -13.96
N ALA B 157 -3.57 18.48 -13.19
CA ALA B 157 -4.16 18.15 -11.89
C ALA B 157 -5.61 17.72 -12.01
N ALA B 158 -6.12 17.84 -13.22
CA ALA B 158 -7.50 17.59 -13.54
C ALA B 158 -7.59 17.38 -15.04
N VAL B 159 -8.80 17.39 -15.57
CA VAL B 159 -8.94 17.32 -17.02
C VAL B 159 -8.73 18.71 -17.60
N PRO B 160 -7.72 18.85 -18.49
CA PRO B 160 -7.47 20.15 -19.14
C PRO B 160 -8.74 20.66 -19.80
N GLY B 161 -9.09 21.92 -19.59
CA GLY B 161 -10.35 22.44 -20.10
C GLY B 161 -11.35 22.70 -18.99
N THR B 162 -11.17 22.03 -17.86
CA THR B 162 -12.00 22.29 -16.67
C THR B 162 -11.35 23.38 -15.84
N PRO B 163 -12.18 24.18 -15.13
CA PRO B 163 -11.70 25.26 -14.25
C PRO B 163 -10.74 24.76 -13.18
N GLN B 164 -10.91 23.51 -12.78
CA GLN B 164 -10.13 22.90 -11.70
C GLN B 164 -8.66 22.64 -12.05
N HIS B 165 -8.34 22.59 -13.35
CA HIS B 165 -6.96 22.35 -13.80
C HIS B 165 -6.11 23.60 -13.64
N GLY B 166 -5.33 23.68 -12.56
CA GLY B 166 -4.53 24.86 -12.29
C GLY B 166 -3.04 24.60 -12.27
N HIS B 167 -2.65 23.34 -12.42
CA HIS B 167 -1.23 23.03 -12.47
C HIS B 167 -0.88 21.75 -13.22
N TYR B 168 0.42 21.57 -13.40
CA TYR B 168 1.00 20.32 -13.89
C TYR B 168 2.03 19.81 -12.89
N VAL B 169 2.12 18.49 -12.80
CA VAL B 169 3.19 17.80 -12.09
C VAL B 169 4.23 17.31 -13.11
N ILE B 170 5.47 17.72 -12.93
CA ILE B 170 6.54 17.41 -13.89
C ILE B 170 7.46 16.37 -13.27
N GLY B 171 7.67 15.24 -13.94
CA GLY B 171 8.51 14.21 -13.37
C GLY B 171 9.99 14.57 -13.43
N GLY B 172 10.62 14.71 -12.27
CA GLY B 172 12.04 15.06 -12.24
C GLY B 172 12.93 13.92 -11.76
N LYS B 173 14.13 14.29 -11.34
CA LYS B 173 15.12 13.32 -10.85
C LYS B 173 14.47 12.43 -9.79
N THR B 174 14.67 11.12 -9.92
CA THR B 174 14.05 10.15 -8.98
C THR B 174 14.56 10.27 -7.56
N THR B 175 13.84 9.70 -6.61
CA THR B 175 14.25 9.75 -5.22
C THR B 175 15.61 9.05 -5.04
N ASP B 176 15.90 8.07 -5.89
CA ASP B 176 17.20 7.40 -5.76
C ASP B 176 18.27 8.01 -6.69
N GLY B 177 18.01 9.23 -7.15
CA GLY B 177 19.02 10.06 -7.78
C GLY B 177 19.22 9.88 -9.27
N LYS B 178 18.31 9.16 -9.91
CA LYS B 178 18.36 8.90 -11.36
C LYS B 178 17.73 10.03 -12.18
N GLU B 179 18.47 10.47 -13.20
CA GLU B 179 18.00 11.51 -14.10
C GLU B 179 17.49 10.92 -15.41
N LEU B 180 16.18 11.04 -15.67
CA LEU B 180 15.57 10.51 -16.91
C LEU B 180 15.61 11.55 -18.03
N ALA B 181 15.80 12.81 -17.65
CA ALA B 181 15.97 13.92 -18.57
C ALA B 181 16.99 14.88 -17.95
N THR B 182 17.57 15.75 -18.77
CA THR B 182 18.55 16.70 -18.22
C THR B 182 17.81 17.79 -17.47
N GLU B 183 18.55 18.57 -16.69
CA GLU B 183 17.94 19.68 -15.99
C GLU B 183 17.34 20.68 -16.97
N GLU B 184 17.99 20.86 -18.13
CA GLU B 184 17.48 21.79 -19.13
C GLU B 184 16.19 21.29 -19.76
N GLN B 185 16.08 19.97 -19.95
CA GLN B 185 14.85 19.41 -20.52
C GLN B 185 13.70 19.57 -19.54
N ILE B 186 13.99 19.37 -18.25
CA ILE B 186 12.95 19.52 -17.26
C ILE B 186 12.52 20.99 -17.20
N LYS B 187 13.47 21.90 -17.27
CA LYS B 187 13.11 23.32 -17.22
C LYS B 187 12.29 23.73 -18.45
N LYS B 188 12.53 23.10 -19.57
CA LYS B 188 11.69 23.37 -20.73
C LYS B 188 10.26 22.86 -20.51
N ALA B 189 10.11 21.69 -19.91
CA ALA B 189 8.81 21.16 -19.57
C ALA B 189 8.08 22.09 -18.58
N VAL B 190 8.80 22.56 -17.58
CA VAL B 190 8.22 23.46 -16.57
C VAL B 190 7.79 24.76 -17.23
N GLU B 191 8.62 25.30 -18.10
CA GLU B 191 8.25 26.55 -18.77
C GLU B 191 7.10 26.37 -19.74
N LEU B 192 6.98 25.21 -20.38
CA LEU B 192 5.80 24.92 -21.20
C LEU B 192 4.52 24.97 -20.34
N ALA B 193 4.55 24.30 -19.19
CA ALA B 193 3.44 24.39 -18.23
C ALA B 193 3.16 25.84 -17.83
N LYS B 194 4.17 26.56 -17.35
CA LYS B 194 3.97 27.91 -16.85
C LYS B 194 3.44 28.89 -17.91
N SER B 195 3.89 28.73 -19.15
CA SER B 195 3.50 29.63 -20.23
C SER B 195 1.99 29.59 -20.48
N ALA B 196 1.33 28.53 -20.01
CA ALA B 196 -0.11 28.39 -20.19
C ALA B 196 -0.93 29.04 -19.07
N GLY B 197 -0.25 29.65 -18.10
CA GLY B 197 -0.94 30.29 -16.98
C GLY B 197 -1.15 29.32 -15.83
N LYS B 198 -0.52 28.16 -15.95
CA LYS B 198 -0.58 27.09 -14.95
C LYS B 198 0.59 27.16 -13.99
N GLU B 199 0.40 26.59 -12.81
CA GLU B 199 1.50 26.39 -11.89
C GLU B 199 2.20 25.13 -12.36
N ALA B 200 3.48 25.00 -12.07
CA ALA B 200 4.22 23.83 -12.53
C ALA B 200 5.08 23.34 -11.39
N TYR B 201 4.95 22.07 -11.02
CA TYR B 201 5.70 21.52 -9.89
C TYR B 201 6.51 20.28 -10.28
N VAL B 202 7.83 20.32 -10.08
CA VAL B 202 8.69 19.16 -10.34
C VAL B 202 8.65 18.20 -9.14
N VAL B 203 8.33 16.95 -9.42
CA VAL B 203 8.19 15.91 -8.41
C VAL B 203 9.08 14.75 -8.90
N PRO B 204 9.78 14.06 -7.99
CA PRO B 204 10.59 12.90 -8.41
C PRO B 204 9.79 11.95 -9.28
N ALA B 205 10.34 11.58 -10.43
CA ALA B 205 9.58 10.84 -11.43
C ALA B 205 9.02 9.54 -10.89
N ASP B 206 9.68 8.93 -9.91
CA ASP B 206 9.20 7.64 -9.38
C ASP B 206 7.99 7.81 -8.45
N VAL B 207 7.61 9.05 -8.17
CA VAL B 207 6.51 9.35 -7.26
C VAL B 207 5.39 10.10 -7.99
N SER B 208 5.73 10.72 -9.11
CA SER B 208 4.84 11.69 -9.77
C SER B 208 3.47 11.15 -10.16
N SER B 209 3.40 9.95 -10.71
CA SER B 209 2.11 9.48 -11.18
C SER B 209 1.17 9.13 -10.02
N VAL B 210 1.74 8.79 -8.86
CA VAL B 210 0.94 8.47 -7.66
C VAL B 210 0.24 9.73 -7.06
N VAL B 211 0.79 10.91 -7.32
CA VAL B 211 0.19 12.11 -6.76
C VAL B 211 -0.69 12.83 -7.78
N ALA B 212 -0.65 12.42 -9.04
CA ALA B 212 -1.40 13.18 -10.06
C ALA B 212 -2.37 12.33 -10.89
N ASP B 213 -2.11 11.04 -11.02
CA ASP B 213 -3.02 10.18 -11.81
C ASP B 213 -4.36 10.01 -11.10
N GLY B 215 -5.47 7.40 -9.77
CA GLY B 215 -5.23 6.63 -8.57
C GLY B 215 -4.83 7.51 -7.39
N SER B 216 -4.68 8.82 -7.62
CA SER B 216 -4.43 9.77 -6.53
C SER B 216 -5.60 9.75 -5.53
N LEU B 217 -6.76 9.31 -6.02
CA LEU B 217 -7.91 8.98 -5.19
C LEU B 217 -7.50 7.95 -4.12
N VAL B 218 -6.88 6.88 -4.57
CA VAL B 218 -6.40 5.84 -3.66
C VAL B 218 -5.28 6.38 -2.77
N THR B 219 -4.40 7.19 -3.35
CA THR B 219 -3.31 7.75 -2.55
C THR B 219 -3.84 8.60 -1.39
N ALA B 220 -4.80 9.47 -1.68
CA ALA B 220 -5.36 10.34 -0.65
C ALA B 220 -6.09 9.57 0.44
N VAL B 221 -6.90 8.59 0.05
CA VAL B 221 -7.69 7.86 1.03
C VAL B 221 -6.80 6.95 1.87
N ALA B 222 -5.86 6.27 1.20
CA ALA B 222 -4.92 5.45 1.94
C ALA B 222 -4.07 6.30 2.89
N LEU B 223 -3.60 7.46 2.42
CA LEU B 223 -2.79 8.32 3.27
C LEU B 223 -3.60 8.78 4.49
N SER B 224 -4.89 9.04 4.28
CA SER B 224 -5.70 9.52 5.40
C SER B 224 -5.82 8.43 6.48
N GLY B 225 -5.91 7.17 6.08
CA GLY B 225 -5.93 6.07 7.04
C GLY B 225 -4.63 5.93 7.82
N VAL B 226 -3.53 6.05 7.09
CA VAL B 226 -2.21 6.00 7.70
C VAL B 226 -2.04 7.11 8.74
N LEU B 227 -2.46 8.33 8.42
CA LEU B 227 -2.28 9.43 9.37
C LEU B 227 -3.24 9.30 10.55
N ASP B 228 -4.43 8.76 10.30
CA ASP B 228 -5.37 8.44 11.38
C ASP B 228 -4.72 7.47 12.36
N TYR B 229 -4.23 6.36 11.84
CA TYR B 229 -3.61 5.34 12.68
C TYR B 229 -2.39 5.90 13.39
N TYR B 230 -1.58 6.68 12.67
CA TYR B 230 -0.41 7.33 13.26
C TYR B 230 -0.77 8.22 14.47
N THR B 231 -1.81 9.02 14.30
CA THR B 231 -2.25 9.92 15.35
C THR B 231 -2.80 9.15 16.53
N VAL B 232 -3.73 8.23 16.26
CA VAL B 232 -4.34 7.42 17.32
C VAL B 232 -3.29 6.54 17.99
N GLY B 233 -2.42 5.96 17.19
CA GLY B 233 -1.36 5.13 17.70
C GLY B 233 -0.47 5.91 18.65
N ARG B 234 0.01 7.07 18.21
CA ARG B 234 0.97 7.84 19.00
C ARG B 234 0.34 8.60 20.16
N LYS B 235 -0.81 9.22 19.94
CA LYS B 235 -1.36 10.15 20.92
C LYS B 235 -2.37 9.52 21.89
N ILE B 236 -3.04 8.45 21.48
CA ILE B 236 -3.99 7.77 22.37
C ILE B 236 -3.42 6.49 22.97
N ILE B 237 -2.96 5.62 22.09
CA ILE B 237 -2.51 4.30 22.48
C ILE B 237 -1.09 4.37 23.01
N ASN B 238 -0.35 5.37 22.54
CA ASN B 238 1.07 5.49 22.82
C ASN B 238 1.86 4.25 22.36
N ALA B 239 1.53 3.77 21.17
CA ALA B 239 2.30 2.71 20.52
C ALA B 239 3.65 3.24 20.00
N PRO B 240 4.71 2.41 20.09
CA PRO B 240 6.02 2.80 19.56
C PRO B 240 5.91 3.18 18.09
N LYS B 241 6.59 4.26 17.70
CA LYS B 241 6.54 4.75 16.33
C LYS B 241 7.00 3.67 15.33
N LYS B 242 7.98 2.88 15.73
CA LYS B 242 8.51 1.82 14.86
C LYS B 242 7.47 0.75 14.62
N ILE B 244 4.10 1.20 14.71
CA ILE B 244 3.13 1.80 13.80
C ILE B 244 3.64 1.77 12.37
N GLU B 245 4.90 2.17 12.17
CA GLU B 245 5.44 2.23 10.82
C GLU B 245 5.54 0.83 10.21
N GLN B 246 5.98 -0.14 11.00
CA GLN B 246 6.06 -1.53 10.51
C GLN B 246 4.69 -2.05 10.07
N GLN B 247 3.64 -1.80 10.86
CA GLN B 247 2.31 -2.26 10.51
C GLN B 247 1.76 -1.54 9.29
N VAL B 248 2.06 -0.25 9.15
CA VAL B 248 1.70 0.49 7.94
C VAL B 248 2.38 -0.11 6.71
N ILE B 249 3.67 -0.40 6.81
CA ILE B 249 4.40 -0.96 5.67
C ILE B 249 3.78 -2.30 5.28
N THR B 251 0.76 -3.54 5.85
CA THR B 251 -0.57 -3.39 5.27
C THR B 251 -0.49 -2.99 3.80
N LEU B 252 0.20 -1.89 3.55
CA LEU B 252 0.30 -1.39 2.17
C LEU B 252 1.00 -2.38 1.24
N GLN B 253 2.12 -2.94 1.69
CA GLN B 253 2.85 -3.93 0.88
C GLN B 253 1.98 -5.15 0.60
N THR B 254 1.30 -5.66 1.63
CA THR B 254 0.52 -6.88 1.46
C THR B 254 -0.63 -6.66 0.48
N ALA B 256 -0.75 -4.34 -1.88
CA ALA B 256 -0.13 -4.15 -3.21
C ALA B 256 0.16 -5.48 -3.87
N SER B 257 0.81 -6.37 -3.12
CA SER B 257 1.22 -7.69 -3.59
C SER B 257 0.02 -8.59 -3.93
N LEU B 258 -1.03 -8.53 -3.11
CA LEU B 258 -2.20 -9.35 -3.39
C LEU B 258 -2.88 -8.90 -4.67
N VAL B 259 -2.96 -7.58 -4.89
CA VAL B 259 -3.58 -7.10 -6.14
C VAL B 259 -2.72 -7.56 -7.33
N GLU B 260 -1.40 -7.49 -7.16
CA GLU B 260 -0.47 -7.87 -8.23
C GLU B 260 -0.64 -9.35 -8.62
N THR B 261 -0.77 -10.25 -7.64
CA THR B 261 -0.92 -11.67 -7.98
C THR B 261 -2.35 -12.09 -8.27
N SER B 262 -3.32 -11.41 -7.65
CA SER B 262 -4.69 -11.94 -7.60
C SER B 262 -5.79 -10.99 -8.06
N GLY B 263 -5.41 -9.77 -8.44
CA GLY B 263 -6.40 -8.81 -8.88
C GLY B 263 -7.12 -8.21 -7.68
N ILE B 264 -7.94 -7.20 -7.95
CA ILE B 264 -8.68 -6.54 -6.88
C ILE B 264 -9.56 -7.55 -6.14
N GLU B 265 -10.30 -8.37 -6.88
CA GLU B 265 -11.24 -9.30 -6.26
C GLU B 265 -10.56 -10.36 -5.41
N GLY B 266 -9.43 -10.86 -5.90
CA GLY B 266 -8.64 -11.81 -5.12
C GLY B 266 -8.10 -11.18 -3.86
N VAL B 268 -9.46 -8.69 -2.18
CA VAL B 268 -10.58 -8.55 -1.26
C VAL B 268 -10.89 -9.90 -0.64
N LYS B 269 -10.84 -10.96 -1.44
CA LYS B 269 -11.15 -12.28 -0.89
C LYS B 269 -10.15 -12.64 0.21
N ALA B 270 -8.91 -12.28 -0.03
CA ALA B 270 -7.84 -12.61 0.92
C ALA B 270 -7.98 -11.85 2.24
N LEU B 271 -8.35 -10.59 2.18
CA LEU B 271 -8.47 -9.79 3.40
C LEU B 271 -9.79 -10.01 4.14
N ASN B 272 -10.85 -10.37 3.42
CA ASN B 272 -12.17 -10.63 4.00
C ASN B 272 -12.75 -9.43 4.75
N PRO B 273 -13.51 -8.57 4.04
CA PRO B 273 -14.20 -7.40 4.59
C PRO B 273 -14.97 -7.68 5.90
N GLU B 274 -15.74 -8.77 5.97
CA GLU B 274 -16.46 -9.14 7.22
C GLU B 274 -15.52 -9.13 8.45
N LEU B 275 -14.44 -9.89 8.35
CA LEU B 275 -13.42 -9.97 9.38
C LEU B 275 -12.79 -8.61 9.66
N LEU B 276 -12.46 -7.92 8.58
CA LEU B 276 -11.85 -6.61 8.63
C LEU B 276 -12.70 -5.60 9.39
N ILE B 277 -14.01 -5.59 9.12
CA ILE B 277 -14.94 -4.72 9.81
C ILE B 277 -14.95 -4.97 11.32
N ARG B 278 -14.97 -6.24 11.71
CA ARG B 278 -14.94 -6.58 13.14
C ARG B 278 -13.66 -6.07 13.78
N SER B 279 -12.55 -6.31 13.11
CA SER B 279 -11.24 -5.97 13.64
C SER B 279 -11.05 -4.45 13.72
N ALA B 280 -11.29 -3.75 12.61
CA ALA B 280 -11.10 -2.31 12.54
C ALA B 280 -12.02 -1.56 13.52
N SER B 281 -13.17 -2.16 13.82
CA SER B 281 -14.10 -1.57 14.80
C SER B 281 -13.44 -1.33 16.16
N SER B 282 -12.47 -2.17 16.53
CA SER B 282 -11.77 -2.01 17.80
C SER B 282 -10.74 -0.87 17.79
N LYS B 284 -11.83 2.18 16.79
CA LYS B 284 -12.68 3.36 16.94
C LYS B 284 -12.50 3.98 18.33
N LEU B 285 -11.54 4.90 18.46
CA LEU B 285 -11.23 5.48 19.76
C LEU B 285 -11.73 6.91 19.88
N LEU B 286 -12.04 7.50 18.74
CA LEU B 286 -12.42 8.90 18.64
C LEU B 286 -13.46 9.04 17.52
N ASP B 287 -14.42 9.92 17.70
CA ASP B 287 -15.39 10.18 16.63
C ASP B 287 -14.86 11.13 15.57
N ARG B 288 -13.64 11.63 15.78
CA ARG B 288 -12.97 12.48 14.80
C ARG B 288 -12.50 11.65 13.60
N GLN B 289 -12.63 10.33 13.71
CA GLN B 289 -12.10 9.42 12.70
C GLN B 289 -13.16 9.14 11.64
N LYS B 290 -13.48 10.13 10.81
CA LYS B 290 -14.54 9.95 9.82
C LYS B 290 -14.08 9.11 8.64
N ASP B 291 -12.77 8.96 8.47
CA ASP B 291 -12.24 8.02 7.48
C ASP B 291 -12.58 6.57 7.86
N LEU B 292 -12.39 6.22 9.13
CA LEU B 292 -12.69 4.87 9.59
C LEU B 292 -14.19 4.66 9.54
N ASP B 293 -14.94 5.68 9.97
CA ASP B 293 -16.40 5.64 9.89
C ASP B 293 -16.86 5.38 8.46
N ALA B 294 -16.31 6.13 7.51
CA ALA B 294 -16.65 5.96 6.10
C ALA B 294 -16.27 4.59 5.56
N ALA B 295 -15.10 4.08 5.94
CA ALA B 295 -14.66 2.78 5.47
C ALA B 295 -15.56 1.67 5.96
N LEU B 296 -15.98 1.75 7.22
CA LEU B 296 -16.77 0.68 7.79
C LEU B 296 -18.12 0.59 7.11
N GLU B 297 -18.70 1.71 6.71
CA GLU B 297 -20.01 1.65 6.08
C GLU B 297 -19.86 1.18 4.64
N ILE B 298 -18.77 1.59 3.97
CA ILE B 298 -18.52 1.13 2.61
C ILE B 298 -18.32 -0.38 2.56
N LEU B 299 -17.51 -0.91 3.47
CA LEU B 299 -17.20 -2.34 3.49
C LEU B 299 -18.43 -3.18 3.86
N GLN B 300 -19.37 -2.59 4.57
CA GLN B 300 -20.58 -3.30 4.97
C GLN B 300 -21.66 -3.25 3.91
N ASN B 301 -21.45 -2.45 2.86
CA ASN B 301 -22.45 -2.33 1.80
C ASN B 301 -21.89 -2.50 0.41
N LEU B 302 -21.03 -3.50 0.23
CA LEU B 302 -20.39 -3.74 -1.05
C LEU B 302 -21.42 -4.10 -2.11
N ASP B 303 -21.27 -3.49 -3.28
CA ASP B 303 -22.04 -3.83 -4.49
C ASP B 303 -22.17 -5.34 -4.63
N GLU B 304 -23.34 -5.78 -5.07
CA GLU B 304 -23.67 -7.19 -5.07
C GLU B 304 -22.98 -8.03 -6.12
N THR B 305 -22.63 -7.43 -7.25
CA THR B 305 -21.95 -8.17 -8.31
C THR B 305 -20.47 -8.27 -7.97
N LEU B 306 -19.97 -7.30 -7.20
CA LEU B 306 -18.61 -7.38 -6.70
C LEU B 306 -18.43 -8.52 -5.72
N LYS B 307 -19.40 -8.72 -4.84
CA LYS B 307 -19.23 -9.78 -3.84
C LYS B 307 -19.29 -11.15 -4.49
N ALA B 308 -20.07 -11.27 -5.57
CA ALA B 308 -20.15 -12.53 -6.28
C ALA B 308 -18.81 -12.84 -6.94
N GLU B 309 -18.16 -11.82 -7.49
CA GLU B 309 -16.90 -12.05 -8.16
C GLU B 309 -15.77 -12.27 -7.15
N VAL B 310 -15.93 -11.74 -5.94
CA VAL B 310 -14.98 -12.00 -4.86
C VAL B 310 -15.01 -13.46 -4.43
N GLU B 311 -16.20 -14.02 -4.27
CA GLU B 311 -16.35 -15.43 -3.94
C GLU B 311 -15.78 -16.37 -5.00
N LYS B 312 -15.87 -15.97 -6.26
CA LYS B 312 -15.34 -16.76 -7.37
C LYS B 312 -13.83 -16.59 -7.55
N ALA B 313 -13.24 -15.56 -6.92
CA ALA B 313 -11.82 -15.24 -7.13
C ALA B 313 -10.89 -16.27 -6.52
N GLU B 314 -9.73 -16.39 -7.13
CA GLU B 314 -8.67 -17.24 -6.62
C GLU B 314 -7.58 -16.41 -5.95
N ILE B 315 -7.15 -16.81 -4.75
CA ILE B 315 -6.01 -16.15 -4.13
C ILE B 315 -4.76 -16.89 -4.62
N LYS B 316 -3.94 -16.18 -5.38
CA LYS B 316 -2.74 -16.73 -5.96
C LYS B 316 -1.56 -16.63 -4.99
N PRO B 317 -0.52 -17.46 -5.20
CA PRO B 317 0.68 -17.39 -4.36
C PRO B 317 1.25 -15.99 -4.26
N THR B 318 1.41 -15.51 -3.04
CA THR B 318 1.86 -14.15 -2.80
C THR B 318 2.93 -14.20 -1.72
N THR B 319 4.07 -13.55 -1.94
CA THR B 319 5.19 -13.67 -0.99
C THR B 319 5.34 -12.41 -0.15
N LEU B 320 5.34 -12.58 1.16
CA LEU B 320 5.59 -11.48 2.06
C LEU B 320 7.03 -11.00 1.91
N VAL B 321 7.22 -9.71 1.66
CA VAL B 321 8.56 -9.12 1.57
C VAL B 321 8.66 -7.75 2.25
N ALA B 322 9.90 -7.39 2.60
CA ALA B 322 10.27 -6.01 2.90
C ALA B 322 10.95 -5.50 1.63
N ALA B 323 10.21 -4.74 0.82
CA ALA B 323 10.61 -4.52 -0.56
C ALA B 323 11.91 -3.74 -0.71
N GLN B 324 12.04 -2.60 -0.03
CA GLN B 324 13.26 -1.81 -0.18
C GLN B 324 14.46 -2.55 0.42
N SER B 325 14.25 -3.26 1.54
CA SER B 325 15.29 -4.09 2.17
C SER B 325 15.74 -5.24 1.23
N LEU B 326 14.78 -5.81 0.54
CA LEU B 326 15.04 -6.87 -0.45
C LEU B 326 15.86 -6.36 -1.63
N VAL B 327 15.51 -5.16 -2.13
CA VAL B 327 16.32 -4.52 -3.17
C VAL B 327 17.79 -4.41 -2.74
N LYS B 328 18.02 -3.95 -1.52
CA LYS B 328 19.40 -3.78 -1.04
C LYS B 328 20.06 -5.14 -0.94
N GLU B 329 19.33 -6.12 -0.43
CA GLU B 329 19.84 -7.47 -0.28
C GLU B 329 20.25 -8.06 -1.64
N ILE B 330 19.44 -7.83 -2.66
CA ILE B 330 19.75 -8.39 -3.97
C ILE B 330 20.99 -7.73 -4.57
N LYS B 331 21.15 -6.43 -4.33
CA LYS B 331 22.35 -5.71 -4.76
C LYS B 331 23.59 -6.31 -4.10
N THR B 332 23.50 -6.68 -2.83
CA THR B 332 24.70 -7.22 -2.17
C THR B 332 25.01 -8.61 -2.72
N LEU B 333 23.98 -9.36 -3.10
CA LEU B 333 24.17 -10.73 -3.57
C LEU B 333 24.71 -10.80 -5.00
N ILE B 334 24.10 -10.07 -5.92
CA ILE B 334 24.51 -10.18 -7.33
C ILE B 334 25.11 -8.91 -7.94
N GLY B 335 25.16 -7.83 -7.16
CA GLY B 335 25.77 -6.60 -7.65
C GLY B 335 24.73 -5.63 -8.14
N GLY B 336 25.09 -4.36 -8.15
CA GLY B 336 24.21 -3.27 -8.56
C GLY B 336 23.66 -3.41 -9.96
N ALA B 337 24.52 -3.79 -10.90
CA ALA B 337 24.14 -3.88 -12.29
C ALA B 337 23.10 -4.97 -12.55
N ALA B 338 23.36 -6.17 -12.04
CA ALA B 338 22.42 -7.27 -12.22
C ALA B 338 21.13 -7.01 -11.45
N ALA B 339 21.27 -6.40 -10.27
CA ALA B 339 20.08 -6.10 -9.46
C ALA B 339 19.19 -5.15 -10.23
N GLU B 340 19.77 -4.11 -10.82
CA GLU B 340 18.96 -3.13 -11.56
C GLU B 340 18.31 -3.77 -12.78
N GLY B 341 19.02 -4.70 -13.43
CA GLY B 341 18.44 -5.46 -14.52
C GLY B 341 17.21 -6.22 -14.07
N ALA B 342 17.28 -6.90 -12.93
CA ALA B 342 16.15 -7.65 -12.40
C ALA B 342 14.96 -6.74 -12.08
N ILE B 343 15.27 -5.61 -11.48
CA ILE B 343 14.26 -4.62 -11.14
C ILE B 343 13.58 -4.07 -12.39
N LYS B 344 14.39 -3.75 -13.40
CA LYS B 344 13.84 -3.26 -14.65
C LYS B 344 12.99 -4.32 -15.36
N ARG B 345 13.49 -5.55 -15.48
CA ARG B 345 12.73 -6.55 -16.21
C ARG B 345 11.39 -6.84 -15.52
N SER B 346 11.41 -6.94 -14.20
CA SER B 346 10.18 -7.27 -13.47
C SER B 346 9.18 -6.11 -13.48
N ALA B 347 9.65 -4.86 -13.47
CA ALA B 347 8.78 -3.68 -13.59
C ALA B 347 8.11 -3.63 -14.95
N ARG B 348 8.87 -3.86 -16.01
CA ARG B 348 8.33 -3.90 -17.37
C ARG B 348 7.30 -5.02 -17.50
N LYS B 349 7.56 -6.17 -16.89
CA LYS B 349 6.62 -7.30 -17.04
C LYS B 349 5.24 -6.96 -16.43
N LEU B 350 5.21 -6.30 -15.28
CA LEU B 350 3.91 -5.89 -14.72
C LEU B 350 3.31 -4.66 -15.40
N PHE B 351 4.10 -3.60 -15.57
CA PHE B 351 3.53 -2.33 -16.01
C PHE B 351 3.54 -2.12 -17.53
N GLU B 352 4.30 -2.91 -18.28
CA GLU B 352 4.31 -2.73 -19.74
C GLU B 352 3.79 -3.92 -20.55
N HIS B 353 4.33 -5.11 -20.26
CA HIS B 353 4.12 -6.35 -21.03
C HIS B 353 4.80 -6.26 -22.39
#